data_1HYO
#
_entry.id   1HYO
#
_cell.length_a   64.102
_cell.length_b   109.458
_cell.length_c   67.459
_cell.angle_alpha   90.00
_cell.angle_beta   102.37
_cell.angle_gamma   90.00
#
_symmetry.space_group_name_H-M   'P 1 21 1'
#
loop_
_entity.id
_entity.type
_entity.pdbx_description
1 polymer 'FUMARYLACETOACETATE HYDROLASE'
2 non-polymer 'MAGNESIUM ION'
3 non-polymer 'CALCIUM ION'
4 non-polymer 'ACETATE ION'
5 non-polymer '4-[HYDROXY-[METHYL-PHOSPHINOYL]]-3-OXO-BUTANOIC ACID'
6 non-polymer 'NICKEL (II) ION'
7 water water
#
_entity_poly.entity_id   1
_entity_poly.type   'polypeptide(L)'
_entity_poly.pdbx_seq_one_letter_code
;GSMSFIPVAEDSDFPIQNLPYGVFSTQSNPKPRIGVAIGDQILDLSVIKHLFTGPALSKHQHVFDETTLNNFMGLGQAAW
KEARASLQNLLSASQARLRDDKELRQRAFTSQASATMHLPATIGDYTDFYSSRQHATNVGIMFRGKENALLPNWLHLPVG
YHGRASSIVVSGTPIRRPMGQMRPDNSKPPVYGACRLLDMELEMAFFVGPGNRFGEPIPISKAHEHIFGMVLMNDWSARD
IQQWEYVPLGPFLGKSFGTTISPWVVPMDALMPFVVPNPKQDPKPLPYLCHSQPYTFDINLSVSLKGEGMSQAATICRSN
FKHMYWTMLQQLTHHSVNGCNLRPGDLLASGTISGSDPESFGSMLELSWKGTKAIDVGQGQTRTFLLDGDEVIITGHCQG
DGYRVGFGQCAGKVLPALSPA
;
_entity_poly.pdbx_strand_id   A,B
#
loop_
_chem_comp.id
_chem_comp.type
_chem_comp.name
_chem_comp.formula
ACT non-polymer 'ACETATE ION' 'C2 H3 O2 -1'
CA non-polymer 'CALCIUM ION' 'Ca 2'
HBU non-polymer '4-[HYDROXY-[METHYL-PHOSPHINOYL]]-3-OXO-BUTANOIC ACID' 'C5 H9 O5 P'
MG non-polymer 'MAGNESIUM ION' 'Mg 2'
NI non-polymer 'NICKEL (II) ION' 'Ni 2'
#
# COMPACT_ATOMS: atom_id res chain seq x y z
N MET A 3 -39.10 -10.62 -10.84
CA MET A 3 -38.56 -9.25 -11.06
C MET A 3 -38.83 -8.36 -9.85
N SER A 4 -38.76 -7.04 -10.06
CA SER A 4 -38.90 -6.09 -8.97
C SER A 4 -40.14 -5.23 -9.16
N PHE A 5 -40.55 -4.52 -8.11
CA PHE A 5 -41.56 -3.46 -8.22
C PHE A 5 -40.95 -2.19 -8.82
N ILE A 6 -39.62 -2.06 -8.72
CA ILE A 6 -38.90 -1.03 -9.45
C ILE A 6 -38.75 -1.45 -10.91
N PRO A 7 -39.24 -0.62 -11.82
CA PRO A 7 -39.10 -0.86 -13.24
C PRO A 7 -37.63 -0.97 -13.64
N VAL A 8 -37.31 -1.98 -14.42
CA VAL A 8 -35.95 -2.20 -14.91
C VAL A 8 -35.99 -2.36 -16.42
N ALA A 9 -35.38 -1.46 -17.17
CA ALA A 9 -35.32 -1.60 -18.63
C ALA A 9 -34.58 -2.88 -19.02
N GLU A 10 -34.95 -3.50 -20.13
CA GLU A 10 -34.35 -4.76 -20.53
C GLU A 10 -32.83 -4.76 -20.57
N ASP A 11 -32.24 -3.70 -21.08
CA ASP A 11 -30.80 -3.57 -21.20
C ASP A 11 -30.12 -2.90 -20.02
N SER A 12 -30.84 -2.73 -18.90
CA SER A 12 -30.23 -2.18 -17.69
C SER A 12 -29.08 -3.06 -17.22
N ASP A 13 -28.05 -2.37 -16.72
CA ASP A 13 -26.98 -3.02 -15.96
C ASP A 13 -27.43 -3.59 -14.64
N PHE A 14 -28.57 -3.11 -14.10
CA PHE A 14 -28.94 -3.29 -12.72
C PHE A 14 -30.32 -3.88 -12.51
N PRO A 15 -30.57 -5.10 -12.98
CA PRO A 15 -31.79 -5.82 -12.64
C PRO A 15 -31.72 -6.38 -11.24
N ILE A 16 -32.75 -7.10 -10.77
CA ILE A 16 -32.77 -7.72 -9.46
C ILE A 16 -31.75 -8.86 -9.37
N GLN A 17 -31.28 -9.37 -10.51
CA GLN A 17 -30.22 -10.36 -10.54
C GLN A 17 -28.84 -9.81 -10.22
N ASN A 18 -28.65 -8.51 -10.27
CA ASN A 18 -27.33 -7.91 -9.99
C ASN A 18 -27.26 -7.48 -8.53
N LEU A 19 -27.77 -6.30 -8.21
CA LEU A 19 -27.78 -5.74 -6.86
C LEU A 19 -26.36 -5.50 -6.31
N PRO A 20 -25.61 -4.63 -6.99
CA PRO A 20 -24.29 -4.25 -6.53
C PRO A 20 -24.32 -3.21 -5.43
N TYR A 21 -23.26 -3.15 -4.65
CA TYR A 21 -23.14 -2.23 -3.52
C TYR A 21 -22.22 -1.07 -3.84
N GLY A 22 -22.59 0.12 -3.40
CA GLY A 22 -21.81 1.32 -3.74
C GLY A 22 -21.92 2.32 -2.61
N VAL A 23 -21.10 3.36 -2.69
CA VAL A 23 -21.12 4.47 -1.76
C VAL A 23 -21.49 5.73 -2.54
N PHE A 24 -22.52 6.42 -2.10
CA PHE A 24 -23.06 7.55 -2.85
C PHE A 24 -23.39 8.71 -1.90
N SER A 25 -23.51 9.90 -2.46
CA SER A 25 -24.07 11.04 -1.71
C SER A 25 -24.95 11.83 -2.66
N THR A 26 -25.71 12.77 -2.11
CA THR A 26 -26.65 13.56 -2.92
C THR A 26 -26.46 15.04 -2.57
N GLN A 27 -27.09 15.94 -3.33
CA GLN A 27 -27.07 17.36 -2.97
C GLN A 27 -27.75 17.60 -1.62
N SER A 28 -28.85 16.90 -1.38
CA SER A 28 -29.62 17.02 -0.16
C SER A 28 -28.86 16.50 1.06
N ASN A 29 -28.08 15.44 0.87
CA ASN A 29 -27.29 14.86 1.95
C ASN A 29 -25.90 14.50 1.45
N PRO A 30 -24.91 15.32 1.78
CA PRO A 30 -23.55 15.13 1.29
C PRO A 30 -22.78 14.03 1.98
N LYS A 31 -23.29 13.43 3.03
CA LYS A 31 -22.62 12.33 3.72
C LYS A 31 -22.63 11.08 2.84
N PRO A 32 -21.43 10.58 2.52
CA PRO A 32 -21.32 9.31 1.82
C PRO A 32 -22.00 8.22 2.60
N ARG A 33 -22.73 7.37 1.87
CA ARG A 33 -23.51 6.31 2.50
C ARG A 33 -23.72 5.16 1.53
N ILE A 34 -24.16 4.03 2.04
CA ILE A 34 -24.21 2.79 1.26
C ILE A 34 -25.54 2.64 0.54
N GLY A 35 -25.46 2.31 -0.74
CA GLY A 35 -26.63 2.05 -1.56
C GLY A 35 -26.48 0.81 -2.44
N VAL A 36 -27.61 0.38 -2.98
CA VAL A 36 -27.67 -0.73 -3.92
C VAL A 36 -28.36 -0.24 -5.18
N ALA A 37 -27.77 -0.55 -6.34
CA ALA A 37 -28.36 -0.12 -7.60
C ALA A 37 -29.46 -1.08 -8.03
N ILE A 38 -30.58 -0.52 -8.47
CA ILE A 38 -31.70 -1.28 -9.03
C ILE A 38 -32.42 -0.42 -10.05
N GLY A 39 -32.49 -0.95 -11.27
CA GLY A 39 -33.03 -0.13 -12.38
C GLY A 39 -32.16 1.12 -12.52
N ASP A 40 -32.75 2.30 -12.56
CA ASP A 40 -32.03 3.57 -12.58
C ASP A 40 -32.10 4.28 -11.23
N GLN A 41 -32.40 3.52 -10.19
CA GLN A 41 -32.50 4.03 -8.82
C GLN A 41 -31.38 3.51 -7.92
N ILE A 42 -31.21 4.15 -6.78
CA ILE A 42 -30.38 3.64 -5.70
C ILE A 42 -31.24 3.38 -4.46
N LEU A 43 -31.14 2.19 -3.89
CA LEU A 43 -31.77 1.88 -2.61
C LEU A 43 -30.81 2.17 -1.49
N ASP A 44 -31.12 3.14 -0.65
CA ASP A 44 -30.28 3.62 0.45
C ASP A 44 -30.32 2.67 1.63
N LEU A 45 -29.23 1.95 1.89
CA LEU A 45 -29.23 0.92 2.93
C LEU A 45 -29.20 1.51 4.34
N SER A 46 -28.71 2.73 4.51
CA SER A 46 -28.79 3.41 5.80
C SER A 46 -30.24 3.66 6.19
N VAL A 47 -31.08 4.00 5.21
CA VAL A 47 -32.50 4.21 5.46
C VAL A 47 -33.21 2.91 5.80
N ILE A 48 -32.90 1.81 5.10
CA ILE A 48 -33.62 0.57 5.33
C ILE A 48 -32.84 -0.43 6.17
N LYS A 49 -31.87 0.01 6.96
CA LYS A 49 -31.01 -0.89 7.71
C LYS A 49 -31.77 -1.76 8.69
N HIS A 50 -32.91 -1.27 9.18
CA HIS A 50 -33.74 -2.01 10.13
C HIS A 50 -34.54 -3.12 9.47
N LEU A 51 -34.56 -3.20 8.15
CA LEU A 51 -35.23 -4.28 7.43
C LEU A 51 -34.37 -5.52 7.29
N PHE A 52 -33.12 -5.47 7.74
CA PHE A 52 -32.23 -6.62 7.78
C PHE A 52 -32.37 -7.28 9.14
N THR A 53 -33.31 -8.23 9.24
CA THR A 53 -33.71 -8.76 10.54
C THR A 53 -33.23 -10.18 10.78
N GLY A 54 -32.51 -10.76 9.82
CA GLY A 54 -32.04 -12.13 9.97
C GLY A 54 -30.96 -12.27 11.03
N PRO A 55 -30.48 -13.49 11.22
CA PRO A 55 -29.52 -13.81 12.25
C PRO A 55 -28.15 -13.20 12.08
N ALA A 56 -27.66 -13.10 10.84
CA ALA A 56 -26.31 -12.60 10.61
C ALA A 56 -26.24 -11.09 10.74
N LEU A 57 -27.33 -10.39 10.46
CA LEU A 57 -27.31 -8.94 10.37
C LEU A 57 -28.07 -8.20 11.44
N SER A 58 -29.01 -8.83 12.14
CA SER A 58 -29.86 -8.08 13.07
C SER A 58 -29.07 -7.34 14.15
N LYS A 59 -27.95 -7.88 14.62
CA LYS A 59 -27.14 -7.16 15.60
C LYS A 59 -26.02 -6.36 14.97
N HIS A 60 -25.95 -6.29 13.65
CA HIS A 60 -24.86 -5.65 12.92
C HIS A 60 -25.38 -4.66 11.89
N GLN A 61 -26.56 -4.07 12.11
CA GLN A 61 -27.17 -3.17 11.15
C GLN A 61 -26.36 -1.89 10.99
N HIS A 62 -25.54 -1.54 11.97
CA HIS A 62 -24.65 -0.40 11.89
C HIS A 62 -23.70 -0.46 10.72
N VAL A 63 -23.35 -1.62 10.15
CA VAL A 63 -22.47 -1.64 8.99
C VAL A 63 -23.10 -0.91 7.81
N PHE A 64 -24.43 -0.82 7.74
CA PHE A 64 -25.12 -0.13 6.67
C PHE A 64 -25.22 1.38 6.91
N ASP A 65 -24.76 1.86 8.05
CA ASP A 65 -24.70 3.29 8.34
C ASP A 65 -23.31 3.88 8.15
N GLU A 66 -22.35 3.06 7.74
CA GLU A 66 -20.98 3.56 7.57
C GLU A 66 -20.83 4.33 6.26
N THR A 67 -19.73 5.07 6.15
CA THR A 67 -19.41 5.83 4.95
C THR A 67 -18.69 5.01 3.89
N THR A 68 -18.33 3.77 4.25
CA THR A 68 -17.63 2.88 3.34
C THR A 68 -18.16 1.45 3.55
N LEU A 69 -17.89 0.55 2.61
CA LEU A 69 -18.32 -0.83 2.69
C LEU A 69 -17.41 -1.72 3.51
N ASN A 70 -16.32 -1.21 4.09
CA ASN A 70 -15.35 -2.05 4.75
C ASN A 70 -15.97 -2.98 5.77
N ASN A 71 -16.77 -2.43 6.70
CA ASN A 71 -17.27 -3.29 7.77
C ASN A 71 -18.25 -4.34 7.26
N PHE A 72 -19.09 -4.01 6.28
CA PHE A 72 -19.93 -5.05 5.67
C PHE A 72 -19.10 -6.11 4.97
N MET A 73 -18.07 -5.70 4.20
CA MET A 73 -17.13 -6.67 3.62
C MET A 73 -16.52 -7.55 4.70
N GLY A 74 -16.14 -6.98 5.82
CA GLY A 74 -15.52 -7.71 6.90
C GLY A 74 -16.44 -8.70 7.61
N LEU A 75 -17.76 -8.55 7.50
CA LEU A 75 -18.66 -9.49 8.17
C LEU A 75 -18.59 -10.90 7.63
N GLY A 76 -18.26 -11.07 6.36
CA GLY A 76 -18.12 -12.37 5.74
C GLY A 76 -19.40 -12.92 5.12
N GLN A 77 -19.26 -14.11 4.55
CA GLN A 77 -20.20 -14.60 3.56
C GLN A 77 -21.60 -14.88 4.08
N ALA A 78 -21.76 -15.31 5.32
CA ALA A 78 -23.13 -15.52 5.82
C ALA A 78 -23.90 -14.20 5.82
N ALA A 79 -23.23 -13.12 6.23
CA ALA A 79 -23.83 -11.80 6.23
C ALA A 79 -24.13 -11.31 4.82
N TRP A 80 -23.21 -11.54 3.88
CA TRP A 80 -23.46 -11.13 2.50
C TRP A 80 -24.66 -11.85 1.88
N LYS A 81 -24.71 -13.16 2.11
CA LYS A 81 -25.81 -13.96 1.56
C LYS A 81 -27.15 -13.56 2.17
N GLU A 82 -27.16 -13.27 3.46
CA GLU A 82 -28.40 -12.82 4.10
C GLU A 82 -28.82 -11.47 3.58
N ALA A 83 -27.87 -10.53 3.40
CA ALA A 83 -28.20 -9.22 2.86
C ALA A 83 -28.82 -9.34 1.48
N ARG A 84 -28.21 -10.15 0.62
CA ARG A 84 -28.72 -10.32 -0.73
C ARG A 84 -30.12 -10.94 -0.74
N ALA A 85 -30.34 -11.95 0.10
CA ALA A 85 -31.67 -12.56 0.15
C ALA A 85 -32.69 -11.54 0.68
N SER A 86 -32.32 -10.78 1.70
CA SER A 86 -33.21 -9.75 2.21
C SER A 86 -33.56 -8.75 1.14
N LEU A 87 -32.57 -8.26 0.40
CA LEU A 87 -32.79 -7.33 -0.69
C LEU A 87 -33.65 -7.91 -1.80
N GLN A 88 -33.40 -9.16 -2.20
CA GLN A 88 -34.20 -9.78 -3.26
C GLN A 88 -35.65 -9.96 -2.82
N ASN A 89 -35.86 -10.30 -1.55
CA ASN A 89 -37.23 -10.46 -1.05
C ASN A 89 -37.92 -9.12 -0.90
N LEU A 90 -37.22 -8.05 -0.54
CA LEU A 90 -37.82 -6.73 -0.46
C LEU A 90 -38.16 -6.17 -1.83
N LEU A 91 -37.27 -6.36 -2.80
CA LEU A 91 -37.47 -5.80 -4.12
C LEU A 91 -38.43 -6.61 -4.98
N SER A 92 -38.75 -7.83 -4.63
CA SER A 92 -39.81 -8.60 -5.27
C SER A 92 -41.14 -8.46 -4.53
N ALA A 93 -41.12 -7.81 -3.38
CA ALA A 93 -42.27 -7.62 -2.52
C ALA A 93 -42.84 -8.90 -1.92
N SER A 94 -42.03 -9.94 -1.80
CA SER A 94 -42.38 -11.14 -1.04
C SER A 94 -42.37 -10.82 0.45
N GLN A 95 -41.40 -10.00 0.85
CA GLN A 95 -41.51 -9.26 2.11
C GLN A 95 -41.90 -7.84 1.74
N ALA A 96 -43.16 -7.49 1.93
CA ALA A 96 -43.70 -6.31 1.26
C ALA A 96 -43.54 -5.00 1.99
N ARG A 97 -42.77 -4.97 3.07
CA ARG A 97 -42.59 -3.74 3.84
C ARG A 97 -42.18 -2.58 2.96
N LEU A 98 -41.18 -2.75 2.10
CA LEU A 98 -40.63 -1.61 1.37
C LEU A 98 -41.57 -1.11 0.28
N ARG A 99 -42.17 -2.02 -0.48
CA ARG A 99 -43.13 -1.65 -1.52
C ARG A 99 -44.30 -0.84 -0.97
N ASP A 100 -44.86 -1.26 0.17
CA ASP A 100 -46.11 -0.69 0.64
C ASP A 100 -45.96 0.41 1.67
N ASP A 101 -44.82 0.49 2.35
CA ASP A 101 -44.59 1.59 3.29
C ASP A 101 -44.18 2.83 2.49
N LYS A 102 -45.15 3.63 2.08
CA LYS A 102 -44.89 4.76 1.18
C LYS A 102 -43.90 5.76 1.79
N GLU A 103 -44.07 6.06 3.06
CA GLU A 103 -43.20 7.02 3.74
C GLU A 103 -41.74 6.55 3.67
N LEU A 104 -41.49 5.30 4.04
CA LEU A 104 -40.15 4.73 4.00
C LEU A 104 -39.61 4.70 2.57
N ARG A 105 -40.44 4.21 1.67
CA ARG A 105 -40.10 4.07 0.27
C ARG A 105 -39.66 5.38 -0.35
N GLN A 106 -40.32 6.49 -0.02
CA GLN A 106 -39.94 7.79 -0.51
C GLN A 106 -38.62 8.30 0.05
N ARG A 107 -38.18 7.82 1.22
CA ARG A 107 -36.87 8.15 1.74
C ARG A 107 -35.78 7.18 1.27
N ALA A 108 -36.18 5.99 0.88
CA ALA A 108 -35.21 4.92 0.62
C ALA A 108 -34.63 4.95 -0.78
N PHE A 109 -35.37 5.42 -1.78
CA PHE A 109 -34.89 5.38 -3.16
C PHE A 109 -34.49 6.73 -3.69
N THR A 110 -33.33 6.88 -4.34
CA THR A 110 -33.01 8.14 -5.02
C THR A 110 -32.50 7.81 -6.42
N SER A 111 -32.53 8.77 -7.33
CA SER A 111 -32.12 8.51 -8.71
C SER A 111 -30.60 8.36 -8.81
N GLN A 112 -30.16 7.39 -9.63
CA GLN A 112 -28.73 7.31 -9.95
C GLN A 112 -28.21 8.60 -10.58
N ALA A 113 -28.96 9.18 -11.51
CA ALA A 113 -28.60 10.44 -12.14
C ALA A 113 -28.25 11.57 -11.18
N SER A 114 -28.94 11.68 -10.04
CA SER A 114 -28.70 12.74 -9.09
C SER A 114 -27.66 12.40 -8.03
N ALA A 115 -27.10 11.20 -8.05
CA ALA A 115 -26.17 10.78 -7.02
C ALA A 115 -24.73 10.98 -7.46
N THR A 116 -23.87 11.30 -6.51
CA THR A 116 -22.43 11.30 -6.75
C THR A 116 -21.86 10.03 -6.12
N MET A 117 -21.12 9.27 -6.92
CA MET A 117 -20.51 8.03 -6.40
C MET A 117 -19.13 8.32 -5.81
N HIS A 118 -18.75 7.54 -4.82
CA HIS A 118 -17.47 7.64 -4.15
C HIS A 118 -16.76 6.29 -4.23
N LEU A 119 -15.48 6.22 -3.87
CA LEU A 119 -14.86 4.91 -3.73
C LEU A 119 -15.70 4.05 -2.80
N PRO A 120 -15.81 2.75 -3.08
CA PRO A 120 -16.70 1.89 -2.30
C PRO A 120 -16.11 1.52 -0.98
N ALA A 121 -14.80 1.57 -0.81
CA ALA A 121 -14.14 1.16 0.40
C ALA A 121 -12.89 2.04 0.62
N THR A 122 -12.45 2.07 1.85
CA THR A 122 -11.11 2.59 2.16
C THR A 122 -10.13 1.45 1.91
N ILE A 123 -9.34 1.58 0.85
CA ILE A 123 -8.48 0.48 0.41
C ILE A 123 -7.17 0.52 1.16
N GLY A 124 -6.96 -0.38 2.10
CA GLY A 124 -5.75 -0.42 2.91
C GLY A 124 -4.55 -0.76 2.04
N ASP A 125 -4.65 -1.77 1.19
CA ASP A 125 -3.60 -2.19 0.28
C ASP A 125 -4.23 -2.61 -1.05
N TYR A 126 -3.58 -2.20 -2.11
CA TYR A 126 -3.92 -2.57 -3.47
C TYR A 126 -2.77 -3.39 -4.04
N THR A 127 -3.09 -4.49 -4.69
CA THR A 127 -2.13 -5.33 -5.36
C THR A 127 -2.56 -5.53 -6.82
N ASP A 128 -1.62 -5.50 -7.74
CA ASP A 128 -1.92 -5.76 -9.16
C ASP A 128 -1.21 -7.03 -9.60
N PHE A 129 -1.98 -7.97 -10.12
CA PHE A 129 -1.41 -9.21 -10.65
C PHE A 129 -1.09 -9.05 -12.13
N TYR A 130 -0.64 -10.13 -12.75
CA TYR A 130 -0.11 -10.14 -14.11
C TYR A 130 -0.62 -11.41 -14.81
N SER A 131 -1.89 -11.73 -14.58
CA SER A 131 -2.33 -13.12 -14.76
C SER A 131 -2.96 -13.45 -16.10
N SER A 132 -3.01 -12.53 -17.03
CA SER A 132 -3.52 -12.86 -18.38
C SER A 132 -2.36 -13.34 -19.23
N ARG A 133 -2.41 -14.60 -19.68
CA ARG A 133 -1.28 -15.18 -20.40
C ARG A 133 -0.95 -14.43 -21.68
N GLN A 134 -1.96 -14.03 -22.46
CA GLN A 134 -1.64 -13.36 -23.71
C GLN A 134 -1.07 -11.97 -23.45
N HIS A 135 -1.54 -11.31 -22.37
CA HIS A 135 -0.95 -10.02 -22.03
C HIS A 135 0.52 -10.16 -21.64
N ALA A 136 0.82 -11.10 -20.74
CA ALA A 136 2.21 -11.28 -20.34
C ALA A 136 3.09 -11.75 -21.50
N THR A 137 2.50 -12.56 -22.39
CA THR A 137 3.22 -13.03 -23.58
C THR A 137 3.51 -11.86 -24.50
N ASN A 138 2.52 -10.99 -24.75
CA ASN A 138 2.71 -9.83 -25.61
C ASN A 138 3.80 -8.93 -25.07
N VAL A 139 3.73 -8.59 -23.78
CA VAL A 139 4.78 -7.78 -23.16
C VAL A 139 6.15 -8.44 -23.33
N GLY A 140 6.23 -9.73 -23.06
CA GLY A 140 7.46 -10.50 -23.26
C GLY A 140 7.97 -10.39 -24.69
N ILE A 141 7.12 -10.62 -25.70
CA ILE A 141 7.55 -10.46 -27.09
C ILE A 141 8.11 -9.07 -27.32
N MET A 142 7.40 -8.03 -26.91
CA MET A 142 7.82 -6.65 -27.15
C MET A 142 9.10 -6.29 -26.44
N PHE A 143 9.35 -6.80 -25.25
CA PHE A 143 10.47 -6.40 -24.40
C PHE A 143 11.67 -7.32 -24.56
N ARG A 144 11.42 -8.59 -24.79
CA ARG A 144 12.45 -9.62 -24.76
C ARG A 144 12.57 -10.41 -26.05
N GLY A 145 11.56 -10.35 -26.91
CA GLY A 145 11.51 -11.18 -28.10
C GLY A 145 10.69 -12.43 -27.85
N LYS A 146 10.24 -13.10 -28.91
CA LYS A 146 9.31 -14.21 -28.75
C LYS A 146 9.90 -15.43 -28.04
N GLU A 147 11.20 -15.68 -28.16
CA GLU A 147 11.82 -16.81 -27.47
C GLU A 147 11.73 -16.70 -25.95
N ASN A 148 11.82 -15.48 -25.43
CA ASN A 148 11.86 -15.25 -23.99
C ASN A 148 10.61 -14.51 -23.52
N ALA A 149 9.50 -14.78 -24.20
CA ALA A 149 8.25 -14.09 -23.92
C ALA A 149 7.93 -14.22 -22.43
N LEU A 150 7.68 -15.44 -21.97
CA LEU A 150 7.39 -15.60 -20.54
C LEU A 150 8.65 -15.85 -19.72
N LEU A 151 8.76 -15.16 -18.59
CA LEU A 151 9.84 -15.43 -17.64
C LEU A 151 9.60 -16.72 -16.89
N PRO A 152 10.63 -17.30 -16.28
CA PRO A 152 10.55 -18.65 -15.76
C PRO A 152 9.53 -18.86 -14.66
N ASN A 153 9.20 -17.83 -13.88
CA ASN A 153 8.25 -18.00 -12.78
C ASN A 153 6.79 -17.91 -13.19
N TRP A 154 6.48 -17.45 -14.40
CA TRP A 154 5.12 -16.98 -14.67
C TRP A 154 4.08 -18.09 -14.59
N LEU A 155 4.42 -19.28 -15.11
CA LEU A 155 3.52 -20.42 -15.11
C LEU A 155 3.51 -21.16 -13.79
N HIS A 156 4.31 -20.74 -12.82
CA HIS A 156 4.38 -21.38 -11.52
C HIS A 156 3.71 -20.65 -10.36
N LEU A 157 3.54 -19.33 -10.48
CA LEU A 157 2.89 -18.56 -9.40
C LEU A 157 2.24 -17.35 -10.07
N PRO A 158 1.20 -16.84 -9.41
CA PRO A 158 0.56 -15.63 -9.90
C PRO A 158 1.38 -14.40 -9.54
N VAL A 159 2.32 -14.06 -10.42
CA VAL A 159 3.14 -12.87 -10.25
C VAL A 159 2.27 -11.65 -10.04
N GLY A 160 2.71 -10.78 -9.13
CA GLY A 160 2.01 -9.51 -8.89
C GLY A 160 2.94 -8.56 -8.13
N TYR A 161 2.47 -7.34 -7.92
CA TYR A 161 3.27 -6.33 -7.21
C TYR A 161 2.32 -5.51 -6.35
N HIS A 162 2.88 -4.93 -5.28
CA HIS A 162 2.11 -3.98 -4.47
C HIS A 162 1.88 -2.69 -5.29
N GLY A 163 0.64 -2.19 -5.34
CA GLY A 163 0.33 -0.95 -6.02
C GLY A 163 0.23 0.19 -5.02
N ARG A 164 -0.07 1.38 -5.54
CA ARG A 164 -0.29 2.59 -4.76
C ARG A 164 -1.77 2.72 -4.42
N ALA A 165 -2.16 2.67 -3.14
CA ALA A 165 -3.57 2.75 -2.78
C ALA A 165 -4.09 4.16 -2.87
N SER A 166 -3.30 5.18 -2.54
CA SER A 166 -3.83 6.53 -2.41
C SER A 166 -4.41 7.11 -3.71
N SER A 167 -3.86 6.68 -4.84
CA SER A 167 -4.21 7.27 -6.13
C SER A 167 -5.21 6.41 -6.88
N ILE A 168 -5.87 5.47 -6.22
CA ILE A 168 -7.07 4.82 -6.72
C ILE A 168 -8.24 5.81 -6.60
N VAL A 169 -8.87 6.12 -7.72
CA VAL A 169 -9.91 7.14 -7.79
C VAL A 169 -11.14 6.57 -8.46
N VAL A 170 -12.30 7.16 -8.11
CA VAL A 170 -13.58 6.67 -8.62
C VAL A 170 -13.79 7.10 -10.07
N SER A 171 -14.53 6.29 -10.82
CA SER A 171 -14.87 6.63 -12.20
C SER A 171 -15.30 8.06 -12.40
N GLY A 172 -14.77 8.70 -13.45
CA GLY A 172 -15.10 10.08 -13.74
C GLY A 172 -14.02 11.06 -13.32
N THR A 173 -13.07 10.65 -12.50
CA THR A 173 -12.01 11.53 -12.02
C THR A 173 -11.05 11.84 -13.16
N PRO A 174 -10.78 13.10 -13.43
CA PRO A 174 -9.79 13.47 -14.45
C PRO A 174 -8.41 13.00 -14.02
N ILE A 175 -7.61 12.56 -14.99
CA ILE A 175 -6.27 12.06 -14.73
C ILE A 175 -5.25 12.96 -15.41
N ARG A 176 -4.39 13.61 -14.65
CA ARG A 176 -3.37 14.46 -15.22
C ARG A 176 -2.23 13.67 -15.82
N ARG A 177 -1.83 13.95 -17.05
CA ARG A 177 -0.62 13.37 -17.62
C ARG A 177 0.54 13.65 -16.67
N PRO A 178 1.30 12.64 -16.28
CA PRO A 178 2.35 12.82 -15.30
C PRO A 178 3.64 13.34 -15.91
N MET A 179 4.34 14.16 -15.13
CA MET A 179 5.75 14.41 -15.37
C MET A 179 6.60 13.35 -14.71
N GLY A 180 7.84 13.20 -15.18
CA GLY A 180 8.78 12.31 -14.53
C GLY A 180 10.07 12.17 -15.34
N GLN A 181 10.87 11.21 -15.00
CA GLN A 181 12.12 10.91 -15.67
C GLN A 181 11.91 9.89 -16.77
N MET A 182 12.60 10.02 -17.87
CA MET A 182 12.50 9.17 -19.05
C MET A 182 13.91 9.03 -19.62
N ARG A 183 14.20 7.98 -20.35
CA ARG A 183 15.48 7.86 -21.03
C ARG A 183 15.25 7.41 -22.45
N PRO A 184 14.94 8.37 -23.34
CA PRO A 184 14.59 8.06 -24.71
C PRO A 184 15.82 7.69 -25.52
N ASP A 185 16.98 8.13 -25.09
CA ASP A 185 18.24 7.83 -25.77
C ASP A 185 19.16 7.17 -24.74
N ASN A 186 19.49 5.90 -24.94
CA ASN A 186 20.35 5.19 -24.00
C ASN A 186 21.80 5.64 -23.95
N SER A 187 22.25 6.44 -24.91
CA SER A 187 23.60 6.98 -24.91
C SER A 187 23.72 8.28 -24.15
N LYS A 188 22.61 8.82 -23.64
CA LYS A 188 22.58 10.09 -22.96
C LYS A 188 21.90 9.98 -21.60
N PRO A 189 22.11 10.97 -20.73
CA PRO A 189 21.47 11.00 -19.42
C PRO A 189 19.96 11.05 -19.59
N PRO A 190 19.22 10.58 -18.60
CA PRO A 190 17.77 10.73 -18.60
C PRO A 190 17.35 12.18 -18.62
N VAL A 191 16.12 12.44 -19.02
CA VAL A 191 15.56 13.78 -19.03
C VAL A 191 14.31 13.83 -18.16
N TYR A 192 13.91 15.02 -17.75
CA TYR A 192 12.67 15.27 -17.04
C TYR A 192 11.64 15.94 -17.92
N GLY A 193 10.39 15.48 -17.95
CA GLY A 193 9.39 16.17 -18.76
C GLY A 193 8.06 15.42 -18.66
N ALA A 194 7.09 15.86 -19.45
CA ALA A 194 5.80 15.17 -19.51
C ALA A 194 6.00 13.79 -20.12
N CYS A 195 5.35 12.76 -19.58
CA CYS A 195 5.48 11.46 -20.23
C CYS A 195 4.87 11.56 -21.64
N ARG A 196 5.41 10.69 -22.48
CA ARG A 196 4.99 10.71 -23.88
C ARG A 196 4.17 9.50 -24.25
N LEU A 197 4.22 8.44 -23.44
CA LEU A 197 3.57 7.18 -23.74
C LEU A 197 2.55 6.87 -22.65
N LEU A 198 1.48 7.64 -22.63
CA LEU A 198 0.42 7.46 -21.64
C LEU A 198 -0.59 6.41 -22.11
N ASP A 199 -0.90 5.45 -21.25
CA ASP A 199 -1.63 4.24 -21.60
C ASP A 199 -2.78 3.96 -20.64
N MET A 200 -3.72 3.17 -21.14
CA MET A 200 -4.78 2.60 -20.31
C MET A 200 -4.51 1.11 -20.17
N GLU A 201 -5.03 0.49 -19.10
CA GLU A 201 -4.86 -0.93 -18.87
C GLU A 201 -6.20 -1.48 -18.39
N LEU A 202 -6.81 -2.31 -19.22
CA LEU A 202 -8.09 -2.94 -18.89
C LEU A 202 -7.89 -4.04 -17.88
N GLU A 203 -8.48 -3.88 -16.69
CA GLU A 203 -8.38 -4.91 -15.65
C GLU A 203 -9.74 -5.05 -14.97
N MET A 204 -9.85 -6.10 -14.17
CA MET A 204 -10.93 -6.15 -13.18
C MET A 204 -10.28 -6.35 -11.81
N ALA A 205 -10.99 -6.08 -10.74
CA ALA A 205 -10.40 -6.26 -9.41
C ALA A 205 -11.46 -6.76 -8.45
N PHE A 206 -11.03 -7.43 -7.39
CA PHE A 206 -11.98 -7.87 -6.36
C PHE A 206 -11.58 -7.27 -5.01
N PHE A 207 -12.60 -7.02 -4.19
CA PHE A 207 -12.41 -6.59 -2.81
C PHE A 207 -12.36 -7.78 -1.87
N VAL A 208 -11.50 -7.73 -0.88
CA VAL A 208 -11.37 -8.73 0.17
C VAL A 208 -12.46 -8.54 1.24
N GLY A 209 -12.96 -9.68 1.67
CA GLY A 209 -13.91 -9.79 2.79
C GLY A 209 -13.22 -9.83 4.12
N PRO A 210 -13.47 -10.84 4.96
CA PRO A 210 -12.83 -10.92 6.26
C PRO A 210 -11.33 -10.99 6.08
N GLY A 211 -10.59 -10.39 7.00
CA GLY A 211 -9.13 -10.62 6.85
C GLY A 211 -8.72 -12.09 6.98
N ASN A 212 -7.39 -12.23 7.04
CA ASN A 212 -6.73 -13.28 7.79
C ASN A 212 -5.83 -12.62 8.85
N ARG A 213 -5.60 -13.33 9.95
CA ARG A 213 -4.70 -12.79 10.98
C ARG A 213 -3.26 -12.80 10.48
N PHE A 214 -2.52 -11.77 10.90
CA PHE A 214 -1.07 -11.71 10.67
C PHE A 214 -0.40 -13.03 11.03
N GLY A 215 0.27 -13.63 10.05
CA GLY A 215 0.98 -14.88 10.26
C GLY A 215 0.14 -16.11 9.91
N GLU A 216 -1.12 -15.98 9.53
CA GLU A 216 -1.97 -17.16 9.29
C GLU A 216 -2.46 -17.16 7.84
N PRO A 217 -1.87 -17.99 7.01
CA PRO A 217 -2.27 -18.09 5.61
C PRO A 217 -3.73 -18.42 5.42
N ILE A 218 -4.34 -18.04 4.31
CA ILE A 218 -5.68 -18.54 3.96
C ILE A 218 -5.50 -19.74 3.04
N PRO A 219 -5.88 -20.93 3.52
CA PRO A 219 -5.76 -22.11 2.65
C PRO A 219 -6.63 -21.95 1.42
N ILE A 220 -6.25 -22.55 0.30
CA ILE A 220 -7.03 -22.37 -0.93
C ILE A 220 -8.45 -22.87 -0.78
N SER A 221 -8.72 -23.90 0.03
CA SER A 221 -10.06 -24.35 0.36
C SER A 221 -10.99 -23.26 0.88
N LYS A 222 -10.42 -22.28 1.59
CA LYS A 222 -11.19 -21.20 2.17
C LYS A 222 -11.14 -19.92 1.36
N ALA A 223 -10.37 -19.86 0.28
CA ALA A 223 -10.18 -18.60 -0.44
C ALA A 223 -11.49 -18.00 -0.91
N HIS A 224 -12.44 -18.85 -1.36
CA HIS A 224 -13.71 -18.35 -1.86
C HIS A 224 -14.54 -17.62 -0.83
N GLU A 225 -14.28 -17.83 0.45
CA GLU A 225 -14.98 -17.14 1.52
C GLU A 225 -14.57 -15.68 1.63
N HIS A 226 -13.46 -15.29 1.00
CA HIS A 226 -12.89 -13.96 1.19
C HIS A 226 -13.10 -13.08 -0.02
N ILE A 227 -13.75 -13.52 -1.06
CA ILE A 227 -13.94 -12.75 -2.28
C ILE A 227 -15.29 -12.03 -2.20
N PHE A 228 -15.32 -10.75 -1.93
CA PHE A 228 -16.59 -10.03 -1.72
C PHE A 228 -17.28 -9.79 -3.05
N GLY A 229 -16.56 -9.22 -4.02
CA GLY A 229 -17.22 -8.74 -5.24
C GLY A 229 -16.20 -8.02 -6.13
N MET A 230 -16.64 -7.59 -7.30
CA MET A 230 -15.72 -7.11 -8.33
C MET A 230 -16.08 -5.74 -8.84
N VAL A 231 -15.06 -5.06 -9.36
CA VAL A 231 -15.19 -3.79 -10.07
C VAL A 231 -14.36 -3.85 -11.36
N LEU A 232 -14.58 -2.89 -12.23
CA LEU A 232 -13.74 -2.62 -13.38
C LEU A 232 -12.60 -1.71 -12.95
N MET A 233 -11.45 -1.83 -13.62
CA MET A 233 -10.31 -0.99 -13.31
C MET A 233 -9.56 -0.56 -14.57
N ASN A 234 -9.09 0.68 -14.57
CA ASN A 234 -8.14 1.15 -15.58
C ASN A 234 -6.86 1.53 -14.85
N ASP A 235 -5.83 0.71 -15.00
CA ASP A 235 -4.54 1.00 -14.36
C ASP A 235 -3.76 1.89 -15.32
N TRP A 236 -4.01 3.20 -15.23
CA TRP A 236 -3.32 4.14 -16.13
C TRP A 236 -1.82 4.00 -15.96
N SER A 237 -1.06 4.11 -17.04
CA SER A 237 0.39 3.98 -16.91
C SER A 237 1.11 4.91 -17.84
N ALA A 238 2.34 5.20 -17.49
CA ALA A 238 3.24 6.05 -18.28
C ALA A 238 4.39 5.14 -18.70
N ARG A 239 4.33 4.64 -19.93
CA ARG A 239 5.21 3.53 -20.30
C ARG A 239 6.69 3.91 -20.35
N ASP A 240 6.98 5.15 -20.71
CA ASP A 240 8.35 5.63 -20.77
C ASP A 240 8.92 5.86 -19.38
N ILE A 241 8.11 6.33 -18.43
CA ILE A 241 8.53 6.41 -17.04
C ILE A 241 8.74 5.00 -16.49
N GLN A 242 7.77 4.12 -16.70
CA GLN A 242 7.88 2.73 -16.26
C GLN A 242 9.15 2.06 -16.74
N GLN A 243 9.45 2.17 -18.03
CA GLN A 243 10.57 1.43 -18.61
C GLN A 243 11.89 1.82 -17.96
N TRP A 244 12.08 3.11 -17.71
CA TRP A 244 13.35 3.57 -17.14
C TRP A 244 13.51 3.19 -15.68
N GLU A 245 12.41 3.14 -14.92
CA GLU A 245 12.46 2.96 -13.48
C GLU A 245 12.42 1.50 -13.04
N TYR A 246 11.85 0.57 -13.80
CA TYR A 246 11.28 -0.62 -13.17
C TYR A 246 12.26 -1.74 -12.89
N VAL A 247 13.45 -1.73 -13.47
CA VAL A 247 14.44 -2.76 -13.10
C VAL A 247 15.31 -2.17 -12.00
N PRO A 248 15.42 -2.80 -10.84
CA PRO A 248 14.98 -4.15 -10.57
C PRO A 248 13.82 -4.32 -9.62
N LEU A 249 13.27 -3.21 -9.08
CA LEU A 249 12.30 -3.34 -8.00
C LEU A 249 10.85 -3.16 -8.43
N GLY A 250 10.58 -2.97 -9.71
CA GLY A 250 9.20 -3.12 -10.23
C GLY A 250 8.58 -1.78 -10.59
N PRO A 251 7.38 -1.82 -11.21
CA PRO A 251 6.67 -0.60 -11.58
C PRO A 251 6.37 0.27 -10.37
N PHE A 252 6.48 1.58 -10.56
CA PHE A 252 6.39 2.48 -9.39
C PHE A 252 5.68 3.74 -9.81
N LEU A 253 6.40 4.80 -10.17
CA LEU A 253 5.77 6.04 -10.63
C LEU A 253 5.13 5.89 -12.00
N GLY A 254 5.48 4.85 -12.73
CA GLY A 254 4.81 4.58 -14.00
C GLY A 254 3.35 4.19 -13.82
N LYS A 255 2.95 3.77 -12.60
CA LYS A 255 1.57 3.39 -12.35
C LYS A 255 0.89 4.31 -11.35
N SER A 256 1.62 4.98 -10.45
CA SER A 256 1.00 5.47 -9.24
C SER A 256 0.38 6.85 -9.33
N PHE A 257 0.43 7.48 -10.51
CA PHE A 257 -0.21 8.79 -10.68
C PHE A 257 -1.72 8.65 -10.78
N GLY A 258 -2.28 7.45 -10.99
CA GLY A 258 -3.73 7.32 -11.08
C GLY A 258 -4.15 5.94 -11.47
N THR A 259 -5.18 5.40 -10.85
CA THR A 259 -5.74 4.09 -11.15
C THR A 259 -7.24 4.23 -10.94
N THR A 260 -8.10 4.01 -11.90
CA THR A 260 -9.53 4.28 -11.76
C THR A 260 -10.31 2.99 -11.56
N ILE A 261 -11.26 2.99 -10.61
CA ILE A 261 -12.19 1.88 -10.50
C ILE A 261 -13.63 2.35 -10.69
N SER A 262 -14.46 1.45 -11.20
CA SER A 262 -15.91 1.69 -11.19
C SER A 262 -16.43 1.62 -9.77
N PRO A 263 -17.55 2.32 -9.52
CA PRO A 263 -18.03 2.44 -8.14
C PRO A 263 -18.94 1.32 -7.66
N TRP A 264 -19.60 0.58 -8.54
CA TRP A 264 -20.60 -0.40 -8.11
C TRP A 264 -19.95 -1.76 -7.94
N VAL A 265 -19.94 -2.28 -6.73
CA VAL A 265 -19.26 -3.55 -6.48
C VAL A 265 -20.24 -4.70 -6.70
N VAL A 266 -20.02 -5.45 -7.76
CA VAL A 266 -20.91 -6.58 -8.08
C VAL A 266 -20.54 -7.75 -7.22
N PRO A 267 -21.45 -8.27 -6.38
CA PRO A 267 -21.13 -9.36 -5.48
C PRO A 267 -20.86 -10.66 -6.21
N MET A 268 -20.00 -11.51 -5.65
CA MET A 268 -19.67 -12.78 -6.32
C MET A 268 -20.90 -13.65 -6.55
N ASP A 269 -21.90 -13.62 -5.66
CA ASP A 269 -23.11 -14.41 -5.89
C ASP A 269 -23.84 -13.98 -7.15
N ALA A 270 -23.78 -12.72 -7.56
CA ALA A 270 -24.34 -12.27 -8.82
C ALA A 270 -23.62 -12.82 -10.05
N LEU A 271 -22.35 -13.15 -9.90
CA LEU A 271 -21.51 -13.57 -11.03
C LEU A 271 -21.42 -15.07 -11.17
N MET A 272 -21.89 -15.80 -10.17
CA MET A 272 -21.85 -17.25 -10.19
C MET A 272 -22.60 -17.92 -11.33
N PRO A 273 -23.71 -17.41 -11.83
CA PRO A 273 -24.37 -17.97 -12.99
C PRO A 273 -23.51 -17.97 -14.23
N PHE A 274 -22.48 -17.14 -14.31
CA PHE A 274 -21.60 -16.90 -15.42
C PHE A 274 -20.24 -17.55 -15.24
N VAL A 275 -20.10 -18.42 -14.27
CA VAL A 275 -18.86 -19.14 -14.03
C VAL A 275 -18.63 -20.21 -15.11
N VAL A 276 -17.38 -20.42 -15.47
CA VAL A 276 -17.00 -21.37 -16.52
C VAL A 276 -15.83 -22.19 -16.01
N PRO A 277 -15.49 -23.29 -16.67
CA PRO A 277 -14.34 -24.09 -16.26
C PRO A 277 -13.07 -23.27 -16.20
N ASN A 278 -12.20 -23.60 -15.25
CA ASN A 278 -10.89 -22.93 -15.17
C ASN A 278 -9.99 -23.41 -16.31
N PRO A 279 -9.18 -22.52 -16.86
CA PRO A 279 -8.23 -22.86 -17.91
C PRO A 279 -7.27 -23.91 -17.39
N LYS A 280 -6.97 -24.90 -18.23
CA LYS A 280 -6.02 -25.94 -17.86
C LYS A 280 -4.64 -25.33 -17.65
N GLN A 281 -4.05 -25.65 -16.50
CA GLN A 281 -2.71 -25.13 -16.21
C GLN A 281 -1.68 -26.22 -16.44
N ASP A 282 -0.65 -25.90 -17.20
CA ASP A 282 0.44 -26.82 -17.49
C ASP A 282 1.74 -26.04 -17.54
N PRO A 283 2.63 -26.29 -16.59
CA PRO A 283 2.54 -27.35 -15.60
C PRO A 283 1.49 -27.16 -14.52
N LYS A 284 1.01 -28.24 -13.93
CA LYS A 284 0.08 -28.17 -12.81
C LYS A 284 0.75 -27.42 -11.66
N PRO A 285 0.01 -26.53 -11.01
CA PRO A 285 0.58 -25.77 -9.91
C PRO A 285 0.82 -26.65 -8.69
N LEU A 286 1.64 -26.16 -7.78
CA LEU A 286 1.85 -26.81 -6.48
C LEU A 286 0.51 -26.95 -5.78
N PRO A 287 0.39 -27.95 -4.90
CA PRO A 287 -0.86 -28.24 -4.22
C PRO A 287 -1.48 -27.06 -3.50
N TYR A 288 -0.70 -26.13 -2.93
CA TYR A 288 -1.28 -24.99 -2.22
C TYR A 288 -2.10 -24.09 -3.15
N LEU A 289 -1.89 -24.16 -4.45
CA LEU A 289 -2.63 -23.39 -5.44
C LEU A 289 -3.71 -24.17 -6.17
N CYS A 290 -3.91 -25.43 -5.80
CA CYS A 290 -4.86 -26.26 -6.56
C CYS A 290 -6.28 -26.14 -6.04
N HIS A 291 -7.24 -25.91 -6.96
CA HIS A 291 -8.65 -25.95 -6.57
C HIS A 291 -9.49 -26.55 -7.70
N SER A 292 -10.49 -27.33 -7.31
CA SER A 292 -11.41 -27.93 -8.27
C SER A 292 -12.54 -26.99 -8.60
N GLN A 293 -12.93 -26.11 -7.69
CA GLN A 293 -14.10 -25.26 -7.92
C GLN A 293 -13.89 -24.37 -9.13
N PRO A 294 -14.79 -24.35 -10.09
CA PRO A 294 -14.80 -23.36 -11.15
C PRO A 294 -14.79 -21.97 -10.52
N TYR A 295 -13.88 -21.14 -11.03
CA TYR A 295 -13.79 -19.77 -10.53
C TYR A 295 -13.20 -18.88 -11.60
N THR A 296 -13.63 -19.05 -12.84
CA THR A 296 -13.31 -18.27 -14.02
C THR A 296 -14.61 -17.74 -14.61
N PHE A 297 -14.71 -16.50 -15.02
CA PHE A 297 -16.02 -15.90 -15.25
C PHE A 297 -16.12 -15.33 -16.65
N ASP A 298 -17.26 -15.55 -17.30
CA ASP A 298 -17.54 -15.03 -18.63
C ASP A 298 -18.12 -13.64 -18.52
N ILE A 299 -17.26 -12.63 -18.59
CA ILE A 299 -17.65 -11.23 -18.46
C ILE A 299 -17.16 -10.46 -19.69
N ASN A 300 -18.07 -9.96 -20.51
CA ASN A 300 -17.70 -9.24 -21.72
C ASN A 300 -17.25 -7.83 -21.38
N LEU A 301 -16.09 -7.46 -21.84
CA LEU A 301 -15.49 -6.16 -21.49
C LEU A 301 -15.32 -5.32 -22.74
N SER A 302 -15.48 -4.01 -22.66
CA SER A 302 -15.33 -3.13 -23.80
C SER A 302 -14.62 -1.85 -23.41
N VAL A 303 -13.74 -1.32 -24.25
CA VAL A 303 -13.03 -0.09 -23.97
C VAL A 303 -13.27 0.89 -25.13
N SER A 304 -13.74 2.08 -24.83
CA SER A 304 -13.88 3.11 -25.87
C SER A 304 -12.92 4.26 -25.61
N LEU A 305 -12.56 4.95 -26.69
CA LEU A 305 -11.72 6.13 -26.65
C LEU A 305 -12.38 7.25 -27.44
N LYS A 306 -12.43 8.45 -26.89
CA LYS A 306 -12.99 9.60 -27.59
C LYS A 306 -12.08 10.79 -27.39
N GLY A 307 -11.56 11.31 -28.50
CA GLY A 307 -10.61 12.41 -28.44
C GLY A 307 -11.34 13.76 -28.49
N GLU A 308 -10.60 14.82 -28.21
CA GLU A 308 -11.10 16.17 -28.47
C GLU A 308 -11.47 16.35 -29.93
N GLY A 309 -12.65 16.92 -30.16
CA GLY A 309 -13.13 17.17 -31.50
C GLY A 309 -13.97 16.03 -32.04
N MET A 310 -13.61 14.80 -31.71
CA MET A 310 -14.35 13.62 -32.13
C MET A 310 -15.76 13.68 -31.59
N SER A 311 -16.74 13.30 -32.41
CA SER A 311 -18.14 13.35 -32.01
C SER A 311 -18.58 12.08 -31.32
N GLN A 312 -18.06 10.92 -31.73
CA GLN A 312 -18.44 9.67 -31.08
C GLN A 312 -17.19 8.91 -30.61
N ALA A 313 -17.37 8.11 -29.57
CA ALA A 313 -16.29 7.27 -29.06
C ALA A 313 -16.07 6.04 -29.94
N ALA A 314 -14.82 5.66 -30.17
CA ALA A 314 -14.51 4.44 -30.89
C ALA A 314 -14.22 3.29 -29.92
N THR A 315 -14.80 2.12 -30.14
CA THR A 315 -14.44 0.94 -29.36
C THR A 315 -13.07 0.43 -29.81
N ILE A 316 -12.08 0.41 -28.94
CA ILE A 316 -10.72 0.03 -29.31
C ILE A 316 -10.36 -1.36 -28.77
N CYS A 317 -11.17 -1.94 -27.91
CA CYS A 317 -10.91 -3.24 -27.32
C CYS A 317 -12.22 -3.92 -26.96
N ARG A 318 -12.35 -5.18 -27.35
CA ARG A 318 -13.43 -6.03 -26.86
C ARG A 318 -12.79 -7.30 -26.32
N SER A 319 -12.97 -7.58 -25.05
CA SER A 319 -12.22 -8.66 -24.41
C SER A 319 -13.14 -9.33 -23.41
N ASN A 320 -12.61 -10.23 -22.61
CA ASN A 320 -13.45 -11.01 -21.70
C ASN A 320 -12.56 -11.39 -20.54
N PHE A 321 -13.15 -11.42 -19.35
CA PHE A 321 -12.44 -11.83 -18.14
C PHE A 321 -12.14 -13.31 -18.11
N LYS A 322 -12.71 -14.12 -19.00
CA LYS A 322 -12.33 -15.52 -19.09
C LYS A 322 -10.93 -15.67 -19.69
N HIS A 323 -10.27 -14.61 -20.17
CA HIS A 323 -8.89 -14.67 -20.61
C HIS A 323 -7.88 -14.48 -19.48
N MET A 324 -8.03 -15.31 -18.46
CA MET A 324 -7.19 -15.27 -17.28
C MET A 324 -6.66 -16.66 -16.92
N TYR A 325 -5.37 -16.73 -16.71
CA TYR A 325 -4.71 -18.01 -16.46
C TYR A 325 -4.74 -18.41 -15.00
N TRP A 326 -4.61 -17.46 -14.10
CA TRP A 326 -4.67 -17.66 -12.66
C TRP A 326 -6.02 -17.13 -12.17
N THR A 327 -6.66 -17.87 -11.29
CA THR A 327 -7.96 -17.43 -10.78
C THR A 327 -7.78 -16.51 -9.58
N MET A 328 -8.88 -15.86 -9.22
CA MET A 328 -8.90 -15.01 -8.01
C MET A 328 -8.64 -15.82 -6.76
N LEU A 329 -9.06 -17.09 -6.72
CA LEU A 329 -8.77 -17.96 -5.58
C LEU A 329 -7.27 -18.18 -5.43
N GLN A 330 -6.61 -18.42 -6.56
CA GLN A 330 -5.16 -18.61 -6.55
C GLN A 330 -4.42 -17.35 -6.15
N GLN A 331 -4.90 -16.21 -6.66
CA GLN A 331 -4.27 -14.93 -6.33
C GLN A 331 -4.38 -14.65 -4.83
N LEU A 332 -5.56 -14.82 -4.25
CA LEU A 332 -5.77 -14.55 -2.84
C LEU A 332 -4.95 -15.47 -1.96
N THR A 333 -4.93 -16.76 -2.35
CA THR A 333 -4.17 -17.77 -1.61
C THR A 333 -2.67 -17.47 -1.66
N HIS A 334 -2.15 -17.23 -2.85
CA HIS A 334 -0.75 -16.88 -3.01
C HIS A 334 -0.42 -15.61 -2.22
N HIS A 335 -1.30 -14.62 -2.22
CA HIS A 335 -1.02 -13.37 -1.52
C HIS A 335 -0.85 -13.56 -0.03
N SER A 336 -1.49 -14.58 0.55
CA SER A 336 -1.42 -14.81 1.96
C SER A 336 -0.62 -16.04 2.37
N VAL A 337 0.08 -16.68 1.42
CA VAL A 337 0.75 -17.94 1.72
C VAL A 337 1.85 -17.76 2.73
N ASN A 338 2.46 -16.58 2.76
CA ASN A 338 3.59 -16.25 3.62
C ASN A 338 3.15 -15.66 4.95
N GLY A 339 1.85 -15.59 5.22
CA GLY A 339 1.34 -15.00 6.44
C GLY A 339 0.96 -13.52 6.33
N CYS A 340 1.15 -12.93 5.15
CA CYS A 340 0.63 -11.59 4.89
C CYS A 340 -0.85 -11.49 5.22
N ASN A 341 -1.24 -10.46 5.96
CA ASN A 341 -2.60 -10.28 6.43
C ASN A 341 -3.46 -9.44 5.49
N LEU A 342 -4.24 -10.05 4.62
CA LEU A 342 -5.23 -9.34 3.83
C LEU A 342 -6.32 -8.77 4.72
N ARG A 343 -6.82 -7.58 4.42
CA ARG A 343 -7.81 -6.90 5.26
C ARG A 343 -9.05 -6.55 4.45
N PRO A 344 -10.20 -6.42 5.12
CA PRO A 344 -11.43 -6.02 4.44
C PRO A 344 -11.24 -4.74 3.65
N GLY A 345 -11.67 -4.75 2.40
CA GLY A 345 -11.53 -3.57 1.54
C GLY A 345 -10.22 -3.53 0.76
N ASP A 346 -9.30 -4.46 0.99
CA ASP A 346 -8.15 -4.53 0.08
C ASP A 346 -8.64 -4.85 -1.33
N LEU A 347 -7.88 -4.37 -2.31
CA LEU A 347 -8.22 -4.51 -3.72
C LEU A 347 -7.15 -5.30 -4.43
N LEU A 348 -7.51 -6.44 -5.01
CA LEU A 348 -6.59 -7.30 -5.74
C LEU A 348 -7.00 -7.32 -7.20
N ALA A 349 -6.20 -6.73 -8.08
CA ALA A 349 -6.55 -6.58 -9.48
C ALA A 349 -5.93 -7.70 -10.31
N SER A 350 -6.60 -8.00 -11.43
CA SER A 350 -6.34 -9.18 -12.23
C SER A 350 -5.02 -9.16 -12.99
N GLY A 351 -4.60 -7.96 -13.37
CA GLY A 351 -3.65 -7.81 -14.49
C GLY A 351 -4.42 -7.36 -15.73
N THR A 352 -3.71 -6.79 -16.67
CA THR A 352 -4.27 -6.37 -17.94
C THR A 352 -4.81 -7.56 -18.72
N ILE A 353 -6.05 -7.42 -19.17
CA ILE A 353 -6.77 -8.55 -19.76
C ILE A 353 -6.63 -8.55 -21.29
N SER A 354 -5.99 -9.57 -21.81
CA SER A 354 -5.85 -9.70 -23.26
C SER A 354 -6.21 -11.12 -23.69
N GLY A 355 -7.05 -11.27 -24.72
CA GLY A 355 -7.26 -12.57 -25.35
C GLY A 355 -6.23 -12.73 -26.49
N SER A 356 -6.40 -13.83 -27.24
CA SER A 356 -5.52 -14.11 -28.37
C SER A 356 -5.79 -13.24 -29.59
N ASP A 357 -7.04 -12.81 -29.78
CA ASP A 357 -7.38 -11.92 -30.88
C ASP A 357 -6.80 -10.55 -30.61
N PRO A 358 -6.13 -9.90 -31.55
CA PRO A 358 -5.57 -8.57 -31.34
C PRO A 358 -6.59 -7.48 -31.04
N GLU A 359 -7.85 -7.70 -31.42
CA GLU A 359 -8.97 -6.85 -31.04
C GLU A 359 -9.31 -6.90 -29.55
N SER A 360 -8.77 -7.88 -28.84
CA SER A 360 -9.05 -8.08 -27.43
C SER A 360 -7.87 -7.71 -26.52
N PHE A 361 -6.81 -7.11 -27.06
CA PHE A 361 -5.64 -6.76 -26.25
C PHE A 361 -5.99 -5.57 -25.36
N GLY A 362 -5.56 -5.64 -24.09
CA GLY A 362 -6.12 -4.76 -23.08
C GLY A 362 -5.37 -3.49 -22.78
N SER A 363 -4.35 -3.14 -23.56
CA SER A 363 -3.63 -1.90 -23.38
C SER A 363 -3.28 -1.29 -24.74
N MET A 364 -3.05 0.01 -24.76
CA MET A 364 -2.56 0.61 -26.02
C MET A 364 -1.13 0.24 -26.27
N LEU A 365 -0.31 -0.09 -25.28
CA LEU A 365 1.01 -0.68 -25.54
C LEU A 365 0.86 -1.88 -26.47
N GLU A 366 -0.10 -2.75 -26.23
CA GLU A 366 -0.35 -3.90 -27.07
C GLU A 366 -1.10 -3.58 -28.36
N LEU A 367 -2.15 -2.77 -28.31
CA LEU A 367 -2.94 -2.47 -29.50
C LEU A 367 -2.11 -1.71 -30.51
N SER A 368 -1.19 -0.85 -30.11
CA SER A 368 -0.29 -0.17 -31.02
C SER A 368 1.05 -0.89 -31.22
N TRP A 369 1.20 -2.03 -30.56
CA TRP A 369 2.44 -2.79 -30.55
C TRP A 369 3.66 -1.92 -30.34
N LYS A 370 3.74 -1.29 -29.17
CA LYS A 370 4.84 -0.44 -28.74
C LYS A 370 4.98 0.78 -29.63
N GLY A 371 3.85 1.33 -30.05
CA GLY A 371 3.81 2.54 -30.85
C GLY A 371 4.31 2.31 -32.27
N THR A 372 4.19 1.10 -32.79
CA THR A 372 4.64 0.84 -34.15
C THR A 372 3.46 0.71 -35.11
N LYS A 373 2.25 0.52 -34.59
CA LYS A 373 1.04 0.40 -35.39
C LYS A 373 0.04 1.47 -34.95
N ALA A 374 -0.58 2.20 -35.87
CA ALA A 374 -1.60 3.17 -35.51
C ALA A 374 -2.94 2.46 -35.26
N ILE A 375 -3.62 2.84 -34.18
CA ILE A 375 -4.95 2.38 -33.84
C ILE A 375 -5.98 3.29 -34.51
N ASP A 376 -6.92 2.70 -35.24
CA ASP A 376 -7.98 3.50 -35.88
C ASP A 376 -9.04 3.88 -34.87
N VAL A 377 -9.20 5.18 -34.59
CA VAL A 377 -10.22 5.59 -33.64
C VAL A 377 -11.34 6.38 -34.31
N GLY A 378 -11.52 6.20 -35.61
CA GLY A 378 -12.63 6.77 -36.34
C GLY A 378 -12.42 8.22 -36.72
N GLN A 379 -13.28 8.71 -37.63
CA GLN A 379 -13.27 10.09 -38.07
C GLN A 379 -11.91 10.57 -38.56
N GLY A 380 -11.18 9.71 -39.28
CA GLY A 380 -9.86 10.00 -39.80
C GLY A 380 -8.72 9.94 -38.80
N GLN A 381 -8.98 9.73 -37.52
CA GLN A 381 -8.00 9.92 -36.48
C GLN A 381 -7.40 8.59 -36.03
N THR A 382 -6.14 8.64 -35.60
CA THR A 382 -5.43 7.45 -35.15
C THR A 382 -4.74 7.75 -33.81
N ARG A 383 -4.36 6.67 -33.13
CA ARG A 383 -3.61 6.78 -31.89
C ARG A 383 -2.51 5.72 -31.85
N THR A 384 -1.42 6.07 -31.14
CA THR A 384 -0.60 4.99 -30.56
C THR A 384 -0.85 4.97 -29.04
N PHE A 385 -0.50 6.06 -28.41
CA PHE A 385 -0.77 6.28 -26.99
C PHE A 385 -1.76 7.43 -26.81
N LEU A 386 -2.20 7.69 -25.57
CA LEU A 386 -3.24 8.67 -25.33
C LEU A 386 -2.78 10.11 -25.54
N LEU A 387 -3.68 10.94 -26.07
CA LEU A 387 -3.45 12.37 -26.20
C LEU A 387 -4.19 13.11 -25.10
N ASP A 388 -3.68 14.28 -24.78
CA ASP A 388 -4.42 15.17 -23.87
C ASP A 388 -5.84 15.34 -24.36
N GLY A 389 -6.81 15.23 -23.47
CA GLY A 389 -8.21 15.39 -23.78
C GLY A 389 -8.91 14.08 -24.13
N ASP A 390 -8.15 13.00 -24.32
CA ASP A 390 -8.76 11.72 -24.61
C ASP A 390 -9.55 11.20 -23.40
N GLU A 391 -10.69 10.59 -23.65
CA GLU A 391 -11.50 9.98 -22.62
C GLU A 391 -11.59 8.48 -22.89
N VAL A 392 -11.26 7.69 -21.87
CA VAL A 392 -11.30 6.23 -21.98
C VAL A 392 -12.42 5.73 -21.08
N ILE A 393 -13.33 4.94 -21.62
CA ILE A 393 -14.42 4.39 -20.81
C ILE A 393 -14.44 2.88 -20.95
N ILE A 394 -14.30 2.19 -19.83
CA ILE A 394 -14.40 0.74 -19.76
C ILE A 394 -15.79 0.38 -19.25
N THR A 395 -16.42 -0.59 -19.92
CA THR A 395 -17.68 -1.16 -19.47
C THR A 395 -17.58 -2.69 -19.46
N GLY A 396 -18.51 -3.35 -18.79
CA GLY A 396 -18.51 -4.80 -18.70
C GLY A 396 -19.90 -5.32 -18.38
N HIS A 397 -20.20 -6.51 -18.89
CA HIS A 397 -21.47 -7.14 -18.52
C HIS A 397 -21.42 -8.64 -18.75
N CYS A 398 -22.21 -9.32 -17.94
CA CYS A 398 -22.56 -10.73 -18.17
C CYS A 398 -23.93 -10.80 -18.82
N GLN A 399 -24.06 -11.69 -19.80
CA GLN A 399 -25.30 -11.80 -20.55
C GLN A 399 -26.07 -13.05 -20.16
N GLY A 400 -27.15 -12.87 -19.40
CA GLY A 400 -27.98 -14.00 -18.98
C GLY A 400 -29.15 -14.16 -19.95
N ASP A 401 -30.05 -15.07 -19.62
CA ASP A 401 -31.27 -15.25 -20.40
C ASP A 401 -32.36 -14.28 -19.95
N GLY A 402 -32.54 -13.19 -20.69
CA GLY A 402 -33.54 -12.19 -20.36
C GLY A 402 -33.05 -11.09 -19.44
N TYR A 403 -31.74 -11.03 -19.18
CA TYR A 403 -31.20 -10.02 -18.28
C TYR A 403 -29.68 -9.92 -18.45
N ARG A 404 -29.12 -8.84 -17.95
CA ARG A 404 -27.67 -8.69 -17.91
C ARG A 404 -27.22 -8.18 -16.55
N VAL A 405 -26.09 -8.69 -16.09
CA VAL A 405 -25.42 -8.17 -14.89
C VAL A 405 -24.31 -7.24 -15.35
N GLY A 406 -24.54 -5.94 -15.27
CA GLY A 406 -23.60 -4.95 -15.78
C GLY A 406 -22.82 -4.29 -14.65
N PHE A 407 -21.69 -3.69 -15.04
CA PHE A 407 -20.74 -3.17 -14.07
C PHE A 407 -20.75 -1.66 -14.03
N GLY A 408 -21.60 -1.00 -14.80
CA GLY A 408 -21.53 0.46 -14.91
C GLY A 408 -20.27 0.87 -15.69
N GLN A 409 -19.67 1.98 -15.32
CA GLN A 409 -18.58 2.55 -16.08
C GLN A 409 -17.32 2.72 -15.23
N CYS A 410 -16.23 2.68 -15.97
CA CYS A 410 -14.93 3.04 -15.40
C CYS A 410 -14.26 4.02 -16.36
N ALA A 411 -14.46 5.30 -16.11
CA ALA A 411 -14.17 6.36 -17.06
C ALA A 411 -13.12 7.33 -16.56
N GLY A 412 -12.33 7.92 -17.45
CA GLY A 412 -11.51 9.06 -17.06
C GLY A 412 -11.05 9.82 -18.31
N LYS A 413 -10.85 11.10 -18.16
CA LYS A 413 -10.34 11.96 -19.23
C LYS A 413 -8.95 12.48 -18.86
N VAL A 414 -8.06 12.48 -19.84
CA VAL A 414 -6.69 12.93 -19.66
C VAL A 414 -6.57 14.44 -19.64
N LEU A 415 -6.01 15.02 -18.60
CA LEU A 415 -5.70 16.44 -18.53
C LEU A 415 -4.25 16.65 -18.95
N PRO A 416 -3.93 17.79 -19.55
CA PRO A 416 -2.57 18.12 -19.88
C PRO A 416 -1.66 18.13 -18.65
N ALA A 417 -0.40 17.79 -18.87
CA ALA A 417 0.59 17.91 -17.80
C ALA A 417 0.61 19.34 -17.28
N LEU A 418 0.88 19.48 -15.99
CA LEU A 418 1.01 20.76 -15.31
C LEU A 418 2.33 21.43 -15.66
N GLY B 1 23.31 22.25 28.16
CA GLY B 1 22.09 21.44 28.12
C GLY B 1 20.76 22.01 28.53
N SER B 2 19.76 21.25 28.82
CA SER B 2 18.40 21.70 29.08
C SER B 2 17.91 20.65 30.05
N MET B 3 17.01 20.99 30.95
CA MET B 3 16.59 19.97 31.91
C MET B 3 15.07 20.06 32.10
N SER B 4 14.52 18.88 32.34
CA SER B 4 13.12 18.74 32.73
C SER B 4 13.02 18.61 34.26
N PHE B 5 11.81 18.81 34.78
CA PHE B 5 11.55 18.41 36.17
C PHE B 5 11.48 16.90 36.30
N ILE B 6 11.17 16.19 35.20
CA ILE B 6 11.30 14.73 35.16
C ILE B 6 12.77 14.35 35.11
N PRO B 7 13.24 13.50 36.01
CA PRO B 7 14.60 12.99 36.03
C PRO B 7 14.97 12.29 34.74
N VAL B 8 16.10 12.65 34.15
CA VAL B 8 16.54 12.02 32.89
C VAL B 8 17.98 11.54 33.03
N ALA B 9 18.24 10.25 32.88
CA ALA B 9 19.62 9.78 32.88
C ALA B 9 20.40 10.36 31.72
N GLU B 10 21.70 10.59 31.85
CA GLU B 10 22.51 11.20 30.79
C GLU B 10 22.44 10.45 29.47
N ASP B 11 22.42 9.13 29.49
CA ASP B 11 22.29 8.29 28.32
C ASP B 11 20.86 7.87 28.02
N SER B 12 19.87 8.48 28.63
CA SER B 12 18.47 8.19 28.29
C SER B 12 18.27 8.50 26.80
N ASP B 13 17.45 7.66 26.14
CA ASP B 13 16.99 7.96 24.80
C ASP B 13 16.11 9.19 24.76
N PHE B 14 15.50 9.58 25.90
CA PHE B 14 14.37 10.46 25.97
C PHE B 14 14.59 11.68 26.88
N PRO B 15 15.60 12.49 26.61
CA PRO B 15 15.77 13.76 27.32
C PRO B 15 14.80 14.77 26.79
N ILE B 16 14.80 15.98 27.37
CA ILE B 16 13.92 17.05 26.95
C ILE B 16 14.26 17.52 25.53
N GLN B 17 15.45 17.24 25.04
CA GLN B 17 15.84 17.54 23.67
C GLN B 17 15.19 16.62 22.64
N ASN B 18 14.60 15.50 23.05
CA ASN B 18 13.97 14.59 22.08
C ASN B 18 12.49 14.85 21.95
N LEU B 19 11.68 14.31 22.87
CA LEU B 19 10.24 14.45 22.94
C LEU B 19 9.55 13.84 21.72
N PRO B 20 9.70 12.53 21.56
CA PRO B 20 9.04 11.81 20.46
C PRO B 20 7.59 11.52 20.78
N TYR B 21 6.81 11.30 19.72
CA TYR B 21 5.39 11.04 19.85
C TYR B 21 5.06 9.57 19.64
N GLY B 22 4.11 9.02 20.41
CA GLY B 22 3.77 7.61 20.25
C GLY B 22 2.34 7.41 20.72
N VAL B 23 1.84 6.21 20.50
CA VAL B 23 0.51 5.76 20.87
C VAL B 23 0.67 4.60 21.85
N PHE B 24 0.03 4.75 23.01
CA PHE B 24 0.18 3.75 24.08
C PHE B 24 -1.18 3.48 24.75
N SER B 25 -1.19 2.33 25.46
CA SER B 25 -2.29 2.08 26.40
C SER B 25 -1.65 1.52 27.67
N THR B 26 -2.45 1.34 28.73
CA THR B 26 -1.94 0.84 30.00
C THR B 26 -2.89 -0.24 30.53
N GLN B 27 -2.47 -0.91 31.61
CA GLN B 27 -3.38 -1.85 32.27
C GLN B 27 -4.59 -1.12 32.84
N SER B 28 -4.48 0.12 33.24
CA SER B 28 -5.56 0.88 33.81
C SER B 28 -6.56 1.36 32.77
N ASN B 29 -6.13 1.50 31.53
CA ASN B 29 -6.94 2.16 30.49
C ASN B 29 -6.55 1.60 29.15
N PRO B 30 -7.42 0.81 28.53
CA PRO B 30 -7.12 0.14 27.28
C PRO B 30 -7.20 1.04 26.05
N LYS B 31 -7.65 2.28 26.16
CA LYS B 31 -7.81 3.12 24.97
C LYS B 31 -6.43 3.54 24.48
N PRO B 32 -6.10 3.25 23.24
CA PRO B 32 -4.85 3.75 22.66
C PRO B 32 -4.90 5.27 22.61
N ARG B 33 -3.82 5.92 23.04
CA ARG B 33 -3.82 7.37 23.16
C ARG B 33 -2.41 7.90 22.96
N ILE B 34 -2.36 9.21 22.72
CA ILE B 34 -1.10 9.83 22.31
C ILE B 34 -0.26 10.28 23.49
N GLY B 35 1.01 9.92 23.49
CA GLY B 35 1.93 10.33 24.54
C GLY B 35 3.24 10.84 23.96
N VAL B 36 4.00 11.48 24.83
CA VAL B 36 5.37 11.90 24.56
C VAL B 36 6.30 11.28 25.60
N ALA B 37 7.38 10.68 25.16
CA ALA B 37 8.36 10.07 26.06
C ALA B 37 9.24 11.14 26.68
N ILE B 38 9.46 11.06 28.00
CA ILE B 38 10.40 11.95 28.71
C ILE B 38 11.00 11.17 29.88
N GLY B 39 12.31 10.97 29.87
CA GLY B 39 12.96 10.13 30.88
C GLY B 39 12.41 8.71 30.76
N ASP B 40 11.96 8.14 31.87
CA ASP B 40 11.33 6.82 31.82
C ASP B 40 9.81 6.93 31.88
N GLN B 41 9.24 8.08 31.67
CA GLN B 41 7.84 8.38 31.74
C GLN B 41 7.22 8.65 30.35
N ILE B 42 5.90 8.63 30.34
CA ILE B 42 5.11 9.07 29.19
C ILE B 42 4.17 10.19 29.67
N LEU B 43 4.20 11.31 28.97
CA LEU B 43 3.23 12.39 29.19
C LEU B 43 2.05 12.18 28.26
N ASP B 44 0.85 12.01 28.79
CA ASP B 44 -0.36 11.72 28.05
C ASP B 44 -0.94 13.01 27.50
N LEU B 45 -0.87 13.20 26.19
CA LEU B 45 -1.29 14.46 25.58
C LEU B 45 -2.80 14.67 25.58
N SER B 46 -3.57 13.58 25.67
CA SER B 46 -5.02 13.72 25.80
C SER B 46 -5.36 14.39 27.13
N VAL B 47 -4.59 14.14 28.18
CA VAL B 47 -4.85 14.73 29.49
C VAL B 47 -4.50 16.20 29.52
N ILE B 48 -3.43 16.61 28.83
CA ILE B 48 -2.98 18.00 28.88
C ILE B 48 -3.31 18.79 27.62
N LYS B 49 -4.23 18.32 26.78
CA LYS B 49 -4.48 18.97 25.50
C LYS B 49 -5.03 20.38 25.61
N HIS B 50 -5.69 20.71 26.73
CA HIS B 50 -6.20 22.06 26.99
C HIS B 50 -5.10 23.06 27.30
N LEU B 51 -3.87 22.63 27.50
CA LEU B 51 -2.73 23.51 27.70
C LEU B 51 -2.11 23.98 26.38
N PHE B 52 -2.53 23.40 25.26
CA PHE B 52 -2.07 23.91 23.96
C PHE B 52 -3.00 25.04 23.52
N THR B 53 -2.64 26.26 23.96
CA THR B 53 -3.48 27.43 23.79
C THR B 53 -3.04 28.34 22.65
N GLY B 54 -1.99 28.00 21.91
CA GLY B 54 -1.47 28.85 20.84
C GLY B 54 -2.40 28.90 19.64
N PRO B 55 -2.02 29.68 18.64
CA PRO B 55 -2.84 29.90 17.47
C PRO B 55 -3.01 28.69 16.58
N ALA B 56 -1.97 27.88 16.44
CA ALA B 56 -2.01 26.71 15.57
C ALA B 56 -2.81 25.55 16.17
N LEU B 57 -2.85 25.42 17.49
CA LEU B 57 -3.45 24.26 18.12
C LEU B 57 -4.72 24.53 18.90
N SER B 58 -5.03 25.79 19.21
CA SER B 58 -6.17 26.07 20.08
C SER B 58 -7.49 25.52 19.56
N LYS B 59 -7.72 25.56 18.25
CA LYS B 59 -8.93 25.02 17.65
C LYS B 59 -8.82 23.57 17.22
N HIS B 60 -7.65 22.97 17.42
CA HIS B 60 -7.35 21.63 16.93
C HIS B 60 -6.86 20.72 18.05
N GLN B 61 -7.28 20.95 19.29
CA GLN B 61 -6.85 20.14 20.42
C GLN B 61 -7.36 18.71 20.34
N HIS B 62 -8.42 18.44 19.61
CA HIS B 62 -8.92 17.10 19.37
C HIS B 62 -7.92 16.17 18.70
N VAL B 63 -6.91 16.67 17.97
CA VAL B 63 -5.91 15.79 17.40
C VAL B 63 -5.15 15.02 18.48
N PHE B 64 -5.04 15.56 19.69
CA PHE B 64 -4.39 14.88 20.78
C PHE B 64 -5.31 13.89 21.50
N ASP B 65 -6.55 13.78 21.12
CA ASP B 65 -7.49 12.81 21.67
C ASP B 65 -7.65 11.56 20.81
N GLU B 66 -7.00 11.54 19.65
CA GLU B 66 -7.18 10.46 18.70
C GLU B 66 -6.39 9.23 19.12
N THR B 67 -6.73 8.10 18.49
CA THR B 67 -6.03 6.85 18.78
C THR B 67 -4.78 6.67 17.94
N THR B 68 -4.54 7.57 16.99
CA THR B 68 -3.38 7.52 16.09
C THR B 68 -2.85 8.95 15.89
N LEU B 69 -1.62 9.08 15.40
CA LEU B 69 -1.01 10.39 15.17
C LEU B 69 -1.37 11.02 13.84
N ASN B 70 -2.18 10.38 13.01
CA ASN B 70 -2.41 10.87 11.64
C ASN B 70 -2.86 12.33 11.58
N ASN B 71 -3.87 12.68 12.39
CA ASN B 71 -4.40 14.04 12.29
C ASN B 71 -3.39 15.09 12.75
N PHE B 72 -2.63 14.80 13.80
CA PHE B 72 -1.57 15.71 14.21
C PHE B 72 -0.51 15.82 13.12
N MET B 73 -0.08 14.69 12.54
CA MET B 73 0.84 14.72 11.40
C MET B 73 0.27 15.58 10.28
N GLY B 74 -1.02 15.47 9.97
CA GLY B 74 -1.62 16.24 8.91
C GLY B 74 -1.73 17.74 9.15
N LEU B 75 -1.62 18.21 10.40
CA LEU B 75 -1.73 19.65 10.68
C LEU B 75 -0.58 20.44 10.10
N GLY B 76 0.62 19.93 10.00
CA GLY B 76 1.72 20.62 9.35
C GLY B 76 2.64 21.33 10.34
N GLN B 77 3.71 21.91 9.85
CA GLN B 77 4.83 22.34 10.67
C GLN B 77 4.52 23.46 11.65
N ALA B 78 3.62 24.39 11.38
CA ALA B 78 3.34 25.41 12.39
C ALA B 78 2.76 24.76 13.64
N ALA B 79 1.88 23.78 13.47
CA ALA B 79 1.32 23.03 14.59
C ALA B 79 2.37 22.18 15.29
N TRP B 80 3.24 21.51 14.53
CA TRP B 80 4.29 20.70 15.15
C TRP B 80 5.21 21.57 15.99
N LYS B 81 5.68 22.69 15.43
CA LYS B 81 6.57 23.58 16.17
C LYS B 81 5.90 24.17 17.41
N GLU B 82 4.63 24.54 17.33
CA GLU B 82 3.90 25.04 18.47
C GLU B 82 3.77 23.97 19.55
N ALA B 83 3.41 22.74 19.18
CA ALA B 83 3.30 21.66 20.16
C ALA B 83 4.63 21.41 20.84
N ARG B 84 5.71 21.37 20.08
CA ARG B 84 7.03 21.12 20.63
C ARG B 84 7.46 22.22 21.60
N ALA B 85 7.27 23.49 21.23
CA ALA B 85 7.61 24.60 22.12
C ALA B 85 6.76 24.56 23.40
N SER B 86 5.48 24.24 23.27
CA SER B 86 4.60 24.11 24.42
C SER B 86 5.09 23.01 25.35
N LEU B 87 5.47 21.86 24.83
CA LEU B 87 5.97 20.73 25.61
C LEU B 87 7.33 21.01 26.21
N GLN B 88 8.21 21.72 25.50
CA GLN B 88 9.51 22.06 26.07
C GLN B 88 9.28 23.02 27.26
N ASN B 89 8.31 23.91 27.15
CA ASN B 89 8.03 24.81 28.29
C ASN B 89 7.44 24.02 29.44
N LEU B 90 6.39 23.24 29.17
CA LEU B 90 5.69 22.53 30.24
C LEU B 90 6.57 21.54 30.94
N LEU B 91 7.51 20.89 30.26
CA LEU B 91 8.37 19.91 30.89
C LEU B 91 9.61 20.52 31.53
N SER B 92 9.84 21.82 31.29
CA SER B 92 11.05 22.46 31.80
C SER B 92 11.16 22.36 33.32
N ALA B 93 12.37 22.16 33.82
CA ALA B 93 12.59 22.17 35.27
C ALA B 93 12.16 23.46 35.93
N SER B 94 12.21 24.59 35.25
CA SER B 94 11.90 25.89 35.83
C SER B 94 10.48 26.35 35.61
N GLN B 95 9.62 25.58 34.96
CA GLN B 95 8.23 25.96 34.75
C GLN B 95 7.31 25.32 35.77
N ALA B 96 6.52 26.13 36.47
CA ALA B 96 5.64 25.65 37.52
C ALA B 96 4.35 25.04 37.01
N ARG B 97 3.85 25.43 35.84
CA ARG B 97 2.48 25.10 35.47
C ARG B 97 2.11 23.64 35.70
N LEU B 98 2.83 22.72 35.04
CA LEU B 98 2.54 21.30 35.18
C LEU B 98 3.28 20.72 36.37
N ARG B 99 4.54 21.10 36.52
CA ARG B 99 5.40 20.65 37.61
C ARG B 99 4.74 20.71 38.98
N ASP B 100 4.08 21.82 39.30
CA ASP B 100 3.53 22.03 40.64
C ASP B 100 2.04 21.75 40.72
N ASP B 101 1.43 21.29 39.63
CA ASP B 101 0.04 20.86 39.65
C ASP B 101 0.01 19.38 40.00
N LYS B 102 -0.08 19.02 41.28
CA LYS B 102 0.09 17.64 41.70
C LYS B 102 -0.98 16.72 41.13
N GLU B 103 -2.22 17.19 41.07
CA GLU B 103 -3.31 16.30 40.61
C GLU B 103 -3.24 16.12 39.10
N LEU B 104 -2.97 17.18 38.35
CA LEU B 104 -2.84 17.06 36.90
C LEU B 104 -1.65 16.19 36.52
N ARG B 105 -0.54 16.48 37.19
CA ARG B 105 0.69 15.73 36.97
C ARG B 105 0.50 14.26 37.29
N GLN B 106 -0.26 13.92 38.34
CA GLN B 106 -0.65 12.57 38.65
C GLN B 106 -1.37 11.87 37.51
N ARG B 107 -2.36 12.51 36.86
CA ARG B 107 -3.05 11.81 35.78
C ARG B 107 -2.40 12.01 34.42
N ALA B 108 -1.45 12.93 34.31
CA ALA B 108 -0.79 13.16 33.02
C ALA B 108 0.38 12.24 32.76
N PHE B 109 1.02 11.67 33.76
CA PHE B 109 2.20 10.85 33.56
C PHE B 109 1.93 9.39 33.86
N THR B 110 2.60 8.51 33.12
CA THR B 110 2.63 7.09 33.42
C THR B 110 4.01 6.54 33.09
N SER B 111 4.41 5.45 33.73
CA SER B 111 5.70 4.86 33.50
C SER B 111 5.74 4.17 32.14
N GLN B 112 6.86 4.31 31.42
CA GLN B 112 7.03 3.50 30.20
C GLN B 112 7.00 2.01 30.48
N ALA B 113 7.50 1.57 31.63
CA ALA B 113 7.48 0.16 32.00
C ALA B 113 6.06 -0.41 32.07
N SER B 114 5.07 0.39 32.40
CA SER B 114 3.69 -0.06 32.47
C SER B 114 2.96 -0.04 31.14
N ALA B 115 3.52 0.62 30.14
CA ALA B 115 2.79 0.95 28.93
C ALA B 115 2.95 -0.11 27.85
N THR B 116 1.89 -0.27 27.07
CA THR B 116 1.93 -1.04 25.84
C THR B 116 1.93 -0.07 24.66
N MET B 117 2.96 -0.15 23.82
CA MET B 117 3.01 0.73 22.65
C MET B 117 2.26 0.09 21.50
N HIS B 118 1.67 0.93 20.66
CA HIS B 118 0.95 0.54 19.46
C HIS B 118 1.58 1.22 18.25
N LEU B 119 1.19 0.79 17.05
CA LEU B 119 1.66 1.49 15.85
C LEU B 119 1.29 2.96 15.98
N PRO B 120 2.18 3.89 15.60
CA PRO B 120 1.92 5.29 15.87
C PRO B 120 0.90 5.93 14.94
N ALA B 121 0.71 5.35 13.74
CA ALA B 121 -0.20 5.92 12.76
C ALA B 121 -0.86 4.76 12.00
N THR B 122 -1.98 5.10 11.39
CA THR B 122 -2.58 4.20 10.39
C THR B 122 -1.91 4.48 9.06
N ILE B 123 -1.09 3.58 8.59
CA ILE B 123 -0.23 3.79 7.42
C ILE B 123 -0.98 3.50 6.13
N GLY B 124 -1.41 4.52 5.41
CA GLY B 124 -2.15 4.30 4.18
C GLY B 124 -1.31 3.60 3.13
N ASP B 125 -0.09 4.08 2.94
CA ASP B 125 0.83 3.49 1.97
C ASP B 125 2.24 3.53 2.55
N TYR B 126 2.94 2.44 2.32
CA TYR B 126 4.33 2.27 2.70
C TYR B 126 5.15 2.08 1.43
N THR B 127 6.25 2.80 1.33
CA THR B 127 7.20 2.70 0.25
C THR B 127 8.60 2.39 0.79
N ASP B 128 9.31 1.50 0.13
CA ASP B 128 10.69 1.20 0.52
C ASP B 128 11.63 1.65 -0.60
N PHE B 129 12.60 2.49 -0.26
CA PHE B 129 13.61 2.92 -1.22
C PHE B 129 14.80 1.98 -1.18
N TYR B 130 15.86 2.32 -1.93
CA TYR B 130 17.03 1.46 -2.18
C TYR B 130 18.27 2.37 -2.14
N SER B 131 18.30 3.31 -1.21
CA SER B 131 19.15 4.50 -1.40
C SER B 131 20.54 4.44 -0.79
N SER B 132 20.94 3.33 -0.22
CA SER B 132 22.31 3.19 0.29
C SER B 132 23.19 2.62 -0.80
N ARG B 133 24.18 3.42 -1.23
CA ARG B 133 25.01 2.99 -2.35
C ARG B 133 25.76 1.69 -2.10
N GLN B 134 26.37 1.54 -0.91
CA GLN B 134 27.07 0.29 -0.65
C GLN B 134 26.12 -0.90 -0.65
N HIS B 135 24.92 -0.73 -0.09
CA HIS B 135 23.94 -1.83 -0.07
C HIS B 135 23.59 -2.28 -1.49
N ALA B 136 23.23 -1.33 -2.36
CA ALA B 136 22.85 -1.66 -3.72
C ALA B 136 24.04 -2.23 -4.50
N THR B 137 25.23 -1.71 -4.21
CA THR B 137 26.45 -2.24 -4.83
C THR B 137 26.69 -3.67 -4.38
N ASN B 138 26.60 -3.94 -3.08
CA ASN B 138 26.75 -5.30 -2.58
C ASN B 138 25.78 -6.29 -3.21
N VAL B 139 24.49 -5.95 -3.22
CA VAL B 139 23.49 -6.77 -3.92
C VAL B 139 23.88 -6.98 -5.37
N GLY B 140 24.25 -5.93 -6.08
CA GLY B 140 24.69 -6.09 -7.47
C GLY B 140 25.89 -7.01 -7.61
N ILE B 141 26.91 -6.88 -6.78
CA ILE B 141 28.08 -7.77 -6.88
C ILE B 141 27.63 -9.21 -6.69
N MET B 142 26.82 -9.48 -5.68
CA MET B 142 26.40 -10.83 -5.35
C MET B 142 25.56 -11.44 -6.46
N PHE B 143 24.67 -10.65 -7.07
CA PHE B 143 23.67 -11.16 -7.99
C PHE B 143 24.14 -11.14 -9.43
N ARG B 144 24.96 -10.17 -9.79
CA ARG B 144 25.30 -9.81 -11.15
C ARG B 144 26.79 -9.86 -11.44
N GLY B 145 27.62 -9.75 -10.41
CA GLY B 145 29.06 -9.69 -10.55
C GLY B 145 29.60 -8.28 -10.36
N LYS B 146 30.89 -8.16 -10.07
CA LYS B 146 31.58 -6.92 -9.79
C LYS B 146 31.39 -5.86 -10.87
N GLU B 147 31.55 -6.24 -12.13
CA GLU B 147 31.41 -5.29 -13.23
C GLU B 147 29.99 -4.78 -13.40
N ASN B 148 28.99 -5.64 -13.28
CA ASN B 148 27.60 -5.25 -13.48
C ASN B 148 26.89 -4.86 -12.18
N ALA B 149 27.53 -4.24 -11.20
CA ALA B 149 26.91 -4.06 -9.89
C ALA B 149 25.72 -3.12 -9.87
N LEU B 150 25.91 -1.81 -10.04
CA LEU B 150 24.74 -0.93 -10.07
C LEU B 150 24.08 -0.99 -11.44
N LEU B 151 22.75 -0.99 -11.44
CA LEU B 151 21.97 -0.87 -12.68
C LEU B 151 21.94 0.56 -13.16
N PRO B 152 21.59 0.80 -14.42
CA PRO B 152 21.79 2.09 -15.04
C PRO B 152 21.01 3.24 -14.42
N ASN B 153 19.87 2.96 -13.78
CA ASN B 153 19.05 4.03 -13.23
C ASN B 153 19.45 4.46 -11.83
N TRP B 154 20.34 3.73 -11.14
CA TRP B 154 20.44 3.88 -9.68
C TRP B 154 20.98 5.24 -9.28
N LEU B 155 21.96 5.76 -10.05
CA LEU B 155 22.56 7.05 -9.78
C LEU B 155 21.75 8.22 -10.32
N HIS B 156 20.64 7.93 -11.01
CA HIS B 156 19.80 8.99 -11.56
C HIS B 156 18.49 9.27 -10.86
N LEU B 157 17.93 8.26 -10.18
CA LEU B 157 16.69 8.49 -9.40
C LEU B 157 16.76 7.61 -8.16
N PRO B 158 16.01 8.00 -7.13
CA PRO B 158 15.91 7.18 -5.91
C PRO B 158 14.95 6.03 -6.17
N VAL B 159 15.50 4.93 -6.65
CA VAL B 159 14.73 3.72 -6.89
C VAL B 159 14.01 3.29 -5.61
N GLY B 160 12.76 2.85 -5.78
CA GLY B 160 11.97 2.39 -4.63
C GLY B 160 10.82 1.54 -5.18
N TYR B 161 10.10 0.91 -4.27
CA TYR B 161 8.93 0.10 -4.62
C TYR B 161 7.85 0.26 -3.57
N HIS B 162 6.59 0.03 -3.97
CA HIS B 162 5.49 0.00 -3.02
C HIS B 162 5.61 -1.23 -2.10
N GLY B 163 5.53 -1.00 -0.80
CA GLY B 163 5.55 -2.12 0.14
C GLY B 163 4.14 -2.48 0.58
N ARG B 164 4.06 -3.50 1.45
CA ARG B 164 2.80 -3.95 2.03
C ARG B 164 2.53 -3.21 3.33
N ALA B 165 1.46 -2.42 3.43
CA ALA B 165 1.19 -1.64 4.64
C ALA B 165 0.64 -2.51 5.76
N SER B 166 -0.22 -3.50 5.47
CA SER B 166 -0.92 -4.22 6.52
C SER B 166 0.01 -4.95 7.48
N SER B 167 1.16 -5.39 7.00
CA SER B 167 2.06 -6.21 7.80
C SER B 167 3.20 -5.46 8.45
N ILE B 168 3.05 -4.14 8.48
CA ILE B 168 3.91 -3.31 9.34
C ILE B 168 3.38 -3.42 10.77
N VAL B 169 4.26 -3.89 11.63
CA VAL B 169 3.88 -4.20 13.02
C VAL B 169 4.80 -3.48 13.99
N VAL B 170 4.29 -3.22 15.19
CA VAL B 170 5.05 -2.49 16.20
C VAL B 170 6.13 -3.37 16.81
N SER B 171 7.22 -2.76 17.27
CA SER B 171 8.28 -3.46 17.97
C SER B 171 7.75 -4.43 19.03
N GLY B 172 8.36 -5.61 19.00
CA GLY B 172 7.97 -6.64 19.98
C GLY B 172 7.04 -7.68 19.38
N THR B 173 6.48 -7.44 18.20
CA THR B 173 5.59 -8.40 17.56
C THR B 173 6.38 -9.58 17.05
N PRO B 174 6.01 -10.81 17.42
CA PRO B 174 6.68 -12.00 16.91
C PRO B 174 6.47 -12.13 15.41
N ILE B 175 7.48 -12.60 14.71
CA ILE B 175 7.45 -12.75 13.25
C ILE B 175 7.57 -14.24 12.92
N ARG B 176 6.52 -14.79 12.30
CA ARG B 176 6.61 -16.20 11.93
C ARG B 176 7.40 -16.41 10.66
N ARG B 177 8.36 -17.35 10.68
CA ARG B 177 9.06 -17.73 9.46
C ARG B 177 8.03 -18.09 8.40
N PRO B 178 8.09 -17.47 7.23
CA PRO B 178 7.05 -17.65 6.21
C PRO B 178 7.23 -18.94 5.42
N MET B 179 6.11 -19.52 5.05
CA MET B 179 6.04 -20.51 3.98
C MET B 179 5.93 -19.79 2.63
N GLY B 180 6.31 -20.47 1.57
CA GLY B 180 6.00 -19.92 0.23
C GLY B 180 6.64 -20.81 -0.82
N GLN B 181 6.78 -20.23 -1.99
CA GLN B 181 7.36 -20.94 -3.12
C GLN B 181 8.79 -20.53 -3.36
N MET B 182 9.70 -21.47 -3.59
CA MET B 182 11.10 -21.24 -3.80
C MET B 182 11.60 -22.15 -4.93
N ARG B 183 12.76 -21.81 -5.46
CA ARG B 183 13.35 -22.70 -6.46
C ARG B 183 14.83 -22.88 -6.19
N PRO B 184 15.14 -23.76 -5.25
CA PRO B 184 16.51 -24.00 -4.83
C PRO B 184 17.28 -24.73 -5.91
N ASP B 185 16.58 -25.59 -6.64
CA ASP B 185 17.14 -26.34 -7.75
C ASP B 185 16.60 -25.82 -9.07
N ASN B 186 17.44 -25.23 -9.89
CA ASN B 186 17.10 -24.71 -11.21
C ASN B 186 16.76 -25.76 -12.26
N SER B 187 17.07 -27.03 -11.99
CA SER B 187 16.73 -28.13 -12.87
C SER B 187 15.46 -28.85 -12.49
N LYS B 188 14.79 -28.40 -11.44
CA LYS B 188 13.55 -28.98 -10.95
C LYS B 188 12.49 -27.88 -10.78
N PRO B 189 11.23 -28.27 -10.76
CA PRO B 189 10.14 -27.35 -10.49
C PRO B 189 10.35 -26.70 -9.13
N PRO B 190 9.75 -25.53 -8.93
CA PRO B 190 9.75 -24.90 -7.62
C PRO B 190 9.08 -25.80 -6.59
N VAL B 191 9.41 -25.57 -5.33
CA VAL B 191 8.83 -26.28 -4.20
C VAL B 191 8.09 -25.31 -3.28
N TYR B 192 7.22 -25.84 -2.46
CA TYR B 192 6.54 -25.12 -1.40
C TYR B 192 7.11 -25.58 -0.06
N GLY B 193 7.42 -24.66 0.84
CA GLY B 193 7.91 -25.05 2.16
C GLY B 193 8.34 -23.80 2.92
N ALA B 194 8.93 -24.01 4.09
CA ALA B 194 9.42 -22.92 4.92
C ALA B 194 10.62 -22.24 4.31
N CYS B 195 10.64 -20.90 4.42
CA CYS B 195 11.82 -20.15 3.97
C CYS B 195 13.08 -20.66 4.63
N ARG B 196 14.17 -20.75 3.88
CA ARG B 196 15.45 -21.19 4.41
C ARG B 196 16.44 -20.05 4.59
N LEU B 197 16.18 -18.87 4.02
CA LEU B 197 17.09 -17.75 4.06
C LEU B 197 16.38 -16.52 4.63
N LEU B 198 16.08 -16.55 5.92
CA LEU B 198 15.32 -15.50 6.58
C LEU B 198 16.28 -14.41 7.02
N ASP B 199 15.96 -13.15 6.74
CA ASP B 199 16.90 -12.05 6.88
C ASP B 199 16.25 -10.87 7.59
N MET B 200 17.11 -10.03 8.16
CA MET B 200 16.73 -8.72 8.67
C MET B 200 17.32 -7.66 7.74
N GLU B 201 16.69 -6.48 7.77
CA GLU B 201 17.15 -5.36 6.94
C GLU B 201 17.09 -4.07 7.77
N LEU B 202 18.24 -3.53 8.10
CA LEU B 202 18.34 -2.29 8.88
C LEU B 202 17.94 -1.08 8.05
N GLU B 203 16.85 -0.43 8.45
CA GLU B 203 16.39 0.76 7.74
C GLU B 203 15.95 1.83 8.71
N MET B 204 15.76 3.04 8.22
CA MET B 204 15.01 4.05 8.95
C MET B 204 13.86 4.49 8.07
N ALA B 205 12.82 5.05 8.62
CA ALA B 205 11.68 5.49 7.82
C ALA B 205 11.11 6.78 8.37
N PHE B 206 10.52 7.58 7.49
CA PHE B 206 9.85 8.79 7.92
C PHE B 206 8.36 8.75 7.62
N PHE B 207 7.61 9.43 8.48
CA PHE B 207 6.18 9.63 8.30
C PHE B 207 5.93 10.95 7.56
N VAL B 208 4.98 10.91 6.65
CA VAL B 208 4.51 12.09 5.94
C VAL B 208 3.54 12.88 6.82
N GLY B 209 3.70 14.20 6.73
CA GLY B 209 2.84 15.22 7.34
C GLY B 209 1.65 15.54 6.46
N PRO B 210 1.43 16.82 6.14
CA PRO B 210 0.37 17.17 5.23
C PRO B 210 0.57 16.46 3.89
N GLY B 211 -0.55 16.04 3.32
CA GLY B 211 -0.35 15.45 1.97
C GLY B 211 -0.07 16.49 0.89
N ASN B 212 -0.05 16.01 -0.35
CA ASN B 212 -0.24 16.83 -1.54
C ASN B 212 -1.52 16.41 -2.25
N ARG B 213 -2.14 17.34 -2.96
CA ARG B 213 -3.34 17.00 -3.72
C ARG B 213 -3.01 16.03 -4.87
N PHE B 214 -3.93 15.10 -5.10
CA PHE B 214 -3.87 14.23 -6.28
C PHE B 214 -3.61 15.05 -7.55
N GLY B 215 -2.52 14.75 -8.24
CA GLY B 215 -2.14 15.44 -9.46
C GLY B 215 -1.17 16.60 -9.26
N GLU B 216 -0.79 16.92 -8.03
CA GLU B 216 0.05 18.10 -7.77
C GLU B 216 1.34 17.69 -7.09
N PRO B 217 2.46 17.76 -7.77
CA PRO B 217 3.76 17.40 -7.23
C PRO B 217 4.14 18.24 -6.02
N ILE B 218 5.05 17.73 -5.19
CA ILE B 218 5.67 18.54 -4.16
C ILE B 218 7.05 18.98 -4.64
N PRO B 219 7.23 20.28 -4.87
CA PRO B 219 8.53 20.78 -5.30
C PRO B 219 9.56 20.48 -4.22
N ILE B 220 10.82 20.24 -4.59
CA ILE B 220 11.83 19.87 -3.62
C ILE B 220 12.07 20.96 -2.59
N SER B 221 11.89 22.24 -2.94
CA SER B 221 11.99 23.31 -1.95
C SER B 221 10.94 23.24 -0.84
N LYS B 222 9.85 22.54 -1.09
CA LYS B 222 8.81 22.39 -0.08
C LYS B 222 8.83 21.00 0.55
N ALA B 223 9.74 20.12 0.13
CA ALA B 223 9.65 18.73 0.63
C ALA B 223 9.81 18.67 2.14
N HIS B 224 10.65 19.52 2.72
CA HIS B 224 10.91 19.50 4.15
C HIS B 224 9.68 19.82 4.98
N GLU B 225 8.68 20.49 4.42
CA GLU B 225 7.43 20.78 5.11
C GLU B 225 6.55 19.55 5.33
N HIS B 226 6.83 18.48 4.58
CA HIS B 226 5.97 17.30 4.62
C HIS B 226 6.59 16.17 5.41
N ILE B 227 7.72 16.34 6.05
CA ILE B 227 8.37 15.25 6.77
C ILE B 227 8.17 15.43 8.26
N PHE B 228 7.39 14.56 8.88
CA PHE B 228 7.01 14.74 10.28
C PHE B 228 8.13 14.28 11.21
N GLY B 229 8.65 13.07 11.00
CA GLY B 229 9.58 12.47 11.95
C GLY B 229 9.92 11.05 11.56
N MET B 230 10.77 10.40 12.33
CA MET B 230 11.38 9.14 11.95
C MET B 230 11.21 8.03 12.98
N VAL B 231 11.29 6.80 12.45
CA VAL B 231 11.35 5.59 13.26
C VAL B 231 12.43 4.68 12.67
N LEU B 232 12.81 3.68 13.46
CA LEU B 232 13.64 2.57 13.02
C LEU B 232 12.77 1.49 12.36
N MET B 233 13.33 0.79 11.39
CA MET B 233 12.55 -0.25 10.71
C MET B 233 13.42 -1.47 10.45
N ASN B 234 12.86 -2.65 10.64
CA ASN B 234 13.44 -3.92 10.20
C ASN B 234 12.56 -4.49 9.08
N ASP B 235 13.02 -4.41 7.84
CA ASP B 235 12.27 -5.02 6.75
C ASP B 235 12.66 -6.50 6.64
N TRP B 236 11.97 -7.32 7.45
CA TRP B 236 12.27 -8.75 7.43
C TRP B 236 12.12 -9.28 6.02
N SER B 237 12.92 -10.22 5.57
CA SER B 237 12.79 -10.72 4.21
C SER B 237 13.13 -12.20 4.13
N ALA B 238 12.55 -12.82 3.12
CA ALA B 238 12.76 -14.23 2.83
C ALA B 238 13.49 -14.30 1.51
N ARG B 239 14.80 -14.47 1.52
CA ARG B 239 15.62 -14.23 0.35
C ARG B 239 15.38 -15.24 -0.76
N ASP B 240 15.07 -16.48 -0.37
CA ASP B 240 14.75 -17.52 -1.36
C ASP B 240 13.39 -17.28 -2.01
N ILE B 241 12.39 -16.86 -1.25
CA ILE B 241 11.09 -16.47 -1.83
C ILE B 241 11.28 -15.27 -2.75
N GLN B 242 12.01 -14.26 -2.27
CA GLN B 242 12.28 -13.05 -3.04
C GLN B 242 12.94 -13.39 -4.37
N GLN B 243 13.97 -14.23 -4.34
CA GLN B 243 14.76 -14.44 -5.55
C GLN B 243 13.93 -15.08 -6.66
N TRP B 244 13.06 -16.01 -6.30
CA TRP B 244 12.23 -16.69 -7.30
C TRP B 244 11.14 -15.80 -7.86
N GLU B 245 10.60 -14.89 -7.04
CA GLU B 245 9.41 -14.15 -7.45
C GLU B 245 9.72 -12.84 -8.17
N TYR B 246 10.87 -12.20 -7.92
CA TYR B 246 10.91 -10.74 -8.08
C TYR B 246 11.12 -10.23 -9.49
N VAL B 247 11.59 -11.04 -10.42
CA VAL B 247 11.69 -10.57 -11.83
C VAL B 247 10.39 -10.95 -12.48
N PRO B 248 9.63 -10.03 -13.04
CA PRO B 248 10.06 -8.67 -13.35
C PRO B 248 9.37 -7.55 -12.57
N LEU B 249 8.42 -7.88 -11.69
CA LEU B 249 7.59 -6.86 -11.08
C LEU B 249 7.97 -6.51 -9.64
N GLY B 250 9.05 -7.10 -9.11
CA GLY B 250 9.66 -6.59 -7.89
C GLY B 250 9.41 -7.44 -6.67
N PRO B 251 10.04 -7.09 -5.54
CA PRO B 251 9.85 -7.83 -4.30
C PRO B 251 8.40 -7.80 -3.86
N PHE B 252 7.93 -8.93 -3.30
CA PHE B 252 6.48 -9.07 -3.04
C PHE B 252 6.32 -9.86 -1.76
N LEU B 253 6.07 -11.17 -1.87
CA LEU B 253 5.94 -12.04 -0.70
C LEU B 253 7.25 -12.24 0.03
N GLY B 254 8.38 -11.94 -0.61
CA GLY B 254 9.65 -11.98 0.07
C GLY B 254 9.77 -10.89 1.13
N LYS B 255 8.92 -9.86 1.09
CA LYS B 255 8.96 -8.81 2.08
C LYS B 255 7.70 -8.74 2.92
N SER B 256 6.55 -9.20 2.44
CA SER B 256 5.26 -8.74 2.98
C SER B 256 4.73 -9.56 4.14
N PHE B 257 5.51 -10.54 4.61
CA PHE B 257 5.09 -11.31 5.78
C PHE B 257 5.34 -10.56 7.07
N GLY B 258 6.13 -9.48 7.06
CA GLY B 258 6.33 -8.72 8.31
C GLY B 258 7.37 -7.65 8.10
N THR B 259 7.14 -6.48 8.66
CA THR B 259 8.08 -5.35 8.63
C THR B 259 7.86 -4.65 9.98
N THR B 260 8.90 -4.51 10.80
CA THR B 260 8.70 -3.97 12.14
C THR B 260 9.16 -2.52 12.21
N ILE B 261 8.40 -1.65 12.90
CA ILE B 261 8.90 -0.32 13.20
C ILE B 261 8.96 -0.11 14.70
N SER B 262 9.88 0.75 15.13
CA SER B 262 9.85 1.24 16.51
C SER B 262 8.66 2.17 16.72
N PRO B 263 8.17 2.32 17.95
CA PRO B 263 6.91 3.02 18.17
C PRO B 263 7.04 4.52 18.41
N TRP B 264 8.20 5.01 18.83
CA TRP B 264 8.35 6.42 19.18
C TRP B 264 8.81 7.23 17.96
N VAL B 265 7.96 8.12 17.49
CA VAL B 265 8.29 8.91 16.29
C VAL B 265 9.07 10.16 16.70
N VAL B 266 10.36 10.15 16.35
CA VAL B 266 11.24 11.28 16.71
C VAL B 266 11.02 12.40 15.71
N PRO B 267 10.55 13.56 16.14
CA PRO B 267 10.22 14.63 15.19
C PRO B 267 11.47 15.15 14.53
N MET B 268 11.34 15.64 13.29
CA MET B 268 12.49 16.19 12.57
C MET B 268 13.17 17.34 13.33
N ASP B 269 12.39 18.15 14.04
CA ASP B 269 13.03 19.22 14.82
C ASP B 269 13.99 18.68 15.85
N ALA B 270 13.79 17.49 16.44
CA ALA B 270 14.73 16.92 17.37
C ALA B 270 16.02 16.46 16.72
N LEU B 271 15.94 16.14 15.41
CA LEU B 271 17.06 15.60 14.65
C LEU B 271 17.90 16.67 13.93
N MET B 272 17.32 17.86 13.76
CA MET B 272 18.04 18.94 13.09
C MET B 272 19.37 19.32 13.69
N PRO B 273 19.63 19.24 14.99
CA PRO B 273 20.96 19.48 15.52
C PRO B 273 22.02 18.53 15.02
N PHE B 274 21.63 17.39 14.44
CA PHE B 274 22.52 16.37 13.96
C PHE B 274 22.58 16.30 12.44
N VAL B 275 22.05 17.33 11.79
CA VAL B 275 22.08 17.42 10.33
C VAL B 275 23.48 17.79 9.86
N VAL B 276 23.92 17.23 8.75
CA VAL B 276 25.23 17.48 8.16
C VAL B 276 25.00 17.71 6.68
N PRO B 277 25.98 18.27 5.97
CA PRO B 277 25.88 18.46 4.54
C PRO B 277 25.59 17.16 3.82
N ASN B 278 24.87 17.26 2.70
CA ASN B 278 24.53 16.07 1.91
C ASN B 278 25.73 15.53 1.16
N PRO B 279 25.85 14.23 1.00
CA PRO B 279 26.88 13.61 0.19
C PRO B 279 26.88 14.14 -1.24
N LYS B 280 28.06 14.29 -1.85
CA LYS B 280 28.11 14.75 -3.24
C LYS B 280 27.55 13.68 -4.18
N GLN B 281 26.68 14.10 -5.09
CA GLN B 281 26.20 13.15 -6.10
C GLN B 281 26.88 13.41 -7.43
N ASP B 282 27.33 12.33 -8.05
CA ASP B 282 27.90 12.38 -9.40
C ASP B 282 27.52 11.11 -10.13
N PRO B 283 26.75 11.22 -11.20
CA PRO B 283 26.37 12.47 -11.82
C PRO B 283 25.41 13.35 -11.04
N LYS B 284 25.43 14.65 -11.31
CA LYS B 284 24.50 15.59 -10.69
C LYS B 284 23.08 15.20 -11.12
N PRO B 285 22.17 15.17 -10.16
CA PRO B 285 20.78 14.86 -10.47
C PRO B 285 20.11 15.92 -11.31
N LEU B 286 19.04 15.55 -12.00
CA LEU B 286 18.18 16.51 -12.69
C LEU B 286 17.73 17.59 -11.73
N PRO B 287 17.40 18.79 -12.22
CA PRO B 287 17.02 19.91 -11.40
C PRO B 287 15.91 19.66 -10.40
N TYR B 288 14.91 18.83 -10.73
CA TYR B 288 13.80 18.60 -9.81
C TYR B 288 14.27 17.88 -8.54
N LEU B 289 15.42 17.22 -8.58
CA LEU B 289 15.97 16.52 -7.44
C LEU B 289 17.13 17.27 -6.77
N CYS B 290 17.39 18.49 -7.20
CA CYS B 290 18.55 19.24 -6.71
C CYS B 290 18.15 20.20 -5.60
N HIS B 291 18.77 20.08 -4.44
CA HIS B 291 18.46 20.90 -3.27
C HIS B 291 19.74 21.23 -2.51
N SER B 292 19.92 22.47 -2.07
CA SER B 292 21.09 22.77 -1.22
C SER B 292 20.82 22.53 0.26
N GLN B 293 19.58 22.48 0.73
CA GLN B 293 19.36 22.34 2.16
C GLN B 293 19.98 21.07 2.73
N PRO B 294 20.82 21.18 3.74
CA PRO B 294 21.33 20.00 4.43
C PRO B 294 20.18 19.14 4.94
N TYR B 295 20.23 17.84 4.63
CA TYR B 295 19.17 16.95 5.08
C TYR B 295 19.70 15.53 5.19
N THR B 296 20.93 15.37 5.64
CA THR B 296 21.59 14.11 5.93
C THR B 296 21.90 14.10 7.42
N PHE B 297 21.69 12.99 8.12
CA PHE B 297 21.68 13.02 9.58
C PHE B 297 22.66 12.00 10.13
N ASP B 298 23.38 12.45 11.17
CA ASP B 298 24.36 11.63 11.85
C ASP B 298 23.66 10.84 12.95
N ILE B 299 23.18 9.65 12.62
CA ILE B 299 22.42 8.78 13.50
C ILE B 299 23.13 7.43 13.59
N ASN B 300 23.68 7.11 14.76
CA ASN B 300 24.38 5.85 14.94
C ASN B 300 23.38 4.72 15.12
N LEU B 301 23.49 3.67 14.31
CA LEU B 301 22.55 2.56 14.31
C LEU B 301 23.27 1.28 14.72
N SER B 302 22.58 0.44 15.47
CA SER B 302 23.16 -0.83 15.91
C SER B 302 22.13 -1.94 15.79
N VAL B 303 22.57 -3.13 15.40
CA VAL B 303 21.70 -4.30 15.31
C VAL B 303 22.27 -5.43 16.16
N SER B 304 21.50 -5.95 17.10
CA SER B 304 21.89 -7.12 17.85
C SER B 304 21.05 -8.34 17.46
N LEU B 305 21.67 -9.51 17.65
CA LEU B 305 21.02 -10.80 17.46
C LEU B 305 21.24 -11.65 18.72
N LYS B 306 20.16 -12.21 19.23
CA LYS B 306 20.24 -13.10 20.40
C LYS B 306 19.50 -14.39 20.07
N GLY B 307 20.25 -15.49 20.03
CA GLY B 307 19.65 -16.80 19.81
C GLY B 307 18.87 -17.21 21.06
N GLU B 308 18.03 -18.24 20.88
CA GLU B 308 17.12 -18.64 21.95
C GLU B 308 17.85 -19.23 23.15
N GLY B 309 19.06 -19.74 22.96
CA GLY B 309 19.84 -20.23 24.10
C GLY B 309 20.82 -19.23 24.65
N MET B 310 20.96 -18.05 24.08
CA MET B 310 21.94 -17.07 24.51
C MET B 310 21.48 -16.22 25.68
N SER B 311 22.47 -15.80 26.50
CA SER B 311 22.23 -14.86 27.58
C SER B 311 22.69 -13.45 27.22
N GLN B 312 23.52 -13.35 26.20
CA GLN B 312 24.01 -12.05 25.74
C GLN B 312 23.71 -11.88 24.26
N ALA B 313 23.10 -10.77 23.89
CA ALA B 313 22.89 -10.47 22.47
C ALA B 313 24.22 -10.07 21.84
N ALA B 314 24.42 -10.48 20.59
CA ALA B 314 25.63 -10.12 19.87
C ALA B 314 25.36 -8.93 18.95
N THR B 315 26.24 -7.93 18.97
CA THR B 315 26.07 -6.82 18.01
C THR B 315 26.63 -7.26 16.67
N ILE B 316 25.81 -7.30 15.62
CA ILE B 316 26.24 -7.82 14.33
C ILE B 316 26.37 -6.71 13.29
N CYS B 317 25.90 -5.49 13.60
CA CYS B 317 26.00 -4.38 12.67
C CYS B 317 26.10 -3.08 13.45
N ARG B 318 27.06 -2.23 13.09
CA ARG B 318 27.09 -0.85 13.56
C ARG B 318 27.19 0.04 12.32
N SER B 319 26.19 0.90 12.10
CA SER B 319 26.13 1.66 10.84
C SER B 319 25.64 3.05 11.16
N ASN B 320 25.43 3.87 10.15
CA ASN B 320 25.05 5.26 10.41
C ASN B 320 24.15 5.71 9.28
N PHE B 321 23.11 6.47 9.56
CA PHE B 321 22.23 7.01 8.54
C PHE B 321 22.92 8.05 7.67
N LYS B 322 24.11 8.53 7.98
CA LYS B 322 24.70 9.62 7.20
C LYS B 322 25.31 9.11 5.89
N HIS B 323 25.39 7.82 5.71
CA HIS B 323 25.94 7.18 4.53
C HIS B 323 25.06 7.33 3.30
N MET B 324 23.74 7.42 3.48
CA MET B 324 22.76 7.33 2.41
C MET B 324 23.03 8.29 1.26
N TYR B 325 22.79 7.79 0.05
CA TYR B 325 23.15 8.55 -1.16
C TYR B 325 22.07 9.51 -1.58
N TRP B 326 20.82 9.13 -1.42
CA TRP B 326 19.67 9.96 -1.73
C TRP B 326 19.02 10.46 -0.43
N THR B 327 18.67 11.71 -0.32
CA THR B 327 18.07 12.23 0.91
C THR B 327 16.58 11.95 0.96
N MET B 328 15.99 12.17 2.14
CA MET B 328 14.55 12.07 2.30
C MET B 328 13.84 13.12 1.48
N LEU B 329 14.44 14.31 1.31
CA LEU B 329 13.85 15.32 0.44
C LEU B 329 13.75 14.82 -1.00
N GLN B 330 14.82 14.19 -1.47
CA GLN B 330 14.79 13.65 -2.84
C GLN B 330 13.81 12.50 -2.98
N GLN B 331 13.72 11.63 -1.97
CA GLN B 331 12.76 10.53 -2.01
C GLN B 331 11.34 11.03 -2.04
N LEU B 332 10.99 12.00 -1.21
CA LEU B 332 9.63 12.52 -1.16
C LEU B 332 9.25 13.25 -2.44
N THR B 333 10.21 14.05 -2.96
CA THR B 333 10.02 14.79 -4.21
C THR B 333 9.79 13.83 -5.35
N HIS B 334 10.69 12.83 -5.48
CA HIS B 334 10.54 11.83 -6.52
C HIS B 334 9.23 11.09 -6.38
N HIS B 335 8.81 10.73 -5.16
CA HIS B 335 7.57 9.98 -4.98
C HIS B 335 6.34 10.74 -5.46
N SER B 336 6.38 12.07 -5.48
CA SER B 336 5.23 12.86 -5.85
C SER B 336 5.40 13.57 -7.19
N VAL B 337 6.49 13.32 -7.90
CA VAL B 337 6.77 14.11 -9.12
C VAL B 337 5.73 13.84 -10.19
N ASN B 338 5.15 12.65 -10.21
CA ASN B 338 4.13 12.25 -11.17
C ASN B 338 2.72 12.64 -10.77
N GLY B 339 2.53 13.34 -9.64
CA GLY B 339 1.21 13.63 -9.15
C GLY B 339 0.67 12.67 -8.09
N CYS B 340 1.39 11.61 -7.77
CA CYS B 340 0.96 10.70 -6.71
C CYS B 340 0.77 11.47 -5.42
N ASN B 341 -0.35 11.20 -4.74
CA ASN B 341 -0.74 11.90 -3.54
C ASN B 341 -0.29 11.23 -2.24
N LEU B 342 0.81 11.69 -1.70
CA LEU B 342 1.22 11.27 -0.36
C LEU B 342 0.21 11.75 0.66
N ARG B 343 -0.03 10.97 1.70
CA ARG B 343 -1.05 11.29 2.69
C ARG B 343 -0.45 11.22 4.09
N PRO B 344 -1.03 11.94 5.04
CA PRO B 344 -0.54 11.92 6.42
C PRO B 344 -0.46 10.51 6.96
N GLY B 345 0.67 10.17 7.58
CA GLY B 345 0.86 8.82 8.10
C GLY B 345 1.47 7.84 7.12
N ASP B 346 1.65 8.22 5.85
CA ASP B 346 2.38 7.34 4.95
C ASP B 346 3.80 7.16 5.50
N LEU B 347 4.38 6.02 5.17
CA LEU B 347 5.71 5.68 5.64
C LEU B 347 6.66 5.44 4.49
N LEU B 348 7.75 6.22 4.44
CA LEU B 348 8.74 6.10 3.38
C LEU B 348 10.06 5.65 3.99
N ALA B 349 10.52 4.46 3.65
CA ALA B 349 11.71 3.91 4.29
C ALA B 349 12.93 4.08 3.42
N SER B 350 14.09 4.09 4.03
CA SER B 350 15.35 4.55 3.43
C SER B 350 15.90 3.57 2.42
N GLY B 351 15.61 2.28 2.64
CA GLY B 351 16.44 1.22 2.09
C GLY B 351 17.39 0.69 3.16
N THR B 352 17.92 -0.51 2.94
CA THR B 352 18.88 -1.13 3.84
C THR B 352 20.14 -0.31 3.94
N ILE B 353 20.58 -0.01 5.16
CA ILE B 353 21.65 0.95 5.38
C ILE B 353 22.95 0.18 5.55
N SER B 354 23.83 0.32 4.57
CA SER B 354 25.18 -0.25 4.64
C SER B 354 26.20 0.85 4.35
N GLY B 355 27.25 0.89 5.18
CA GLY B 355 28.43 1.70 4.87
C GLY B 355 29.47 0.85 4.13
N SER B 356 30.67 1.43 3.97
CA SER B 356 31.71 0.71 3.23
C SER B 356 32.33 -0.40 4.06
N ASP B 357 32.48 -0.19 5.37
CA ASP B 357 33.07 -1.22 6.22
C ASP B 357 32.10 -2.39 6.31
N PRO B 358 32.56 -3.64 6.20
CA PRO B 358 31.73 -4.81 6.34
C PRO B 358 31.04 -4.94 7.69
N GLU B 359 31.56 -4.30 8.74
CA GLU B 359 30.93 -4.23 10.05
C GLU B 359 29.65 -3.38 10.04
N SER B 360 29.44 -2.61 8.98
CA SER B 360 28.31 -1.71 8.89
C SER B 360 27.28 -2.17 7.85
N PHE B 361 27.44 -3.35 7.30
CA PHE B 361 26.47 -3.85 6.31
C PHE B 361 25.14 -4.16 6.99
N GLY B 362 24.03 -3.78 6.36
CA GLY B 362 22.74 -3.73 7.03
C GLY B 362 21.83 -4.92 6.90
N SER B 363 22.27 -6.03 6.30
CA SER B 363 21.46 -7.24 6.19
C SER B 363 22.35 -8.45 6.45
N MET B 364 21.77 -9.57 6.84
CA MET B 364 22.59 -10.80 6.96
C MET B 364 22.92 -11.36 5.59
N LEU B 365 22.15 -11.05 4.54
CA LEU B 365 22.60 -11.35 3.17
C LEU B 365 23.99 -10.78 2.92
N GLU B 366 24.20 -9.52 3.31
CA GLU B 366 25.51 -8.89 3.15
C GLU B 366 26.52 -9.35 4.20
N LEU B 367 26.13 -9.43 5.46
CA LEU B 367 27.08 -9.77 6.53
C LEU B 367 27.64 -11.17 6.32
N SER B 368 26.81 -12.10 5.85
CA SER B 368 27.28 -13.46 5.55
C SER B 368 27.74 -13.60 4.11
N TRP B 369 27.70 -12.52 3.33
CA TRP B 369 28.01 -12.52 1.92
C TRP B 369 27.38 -13.68 1.20
N LYS B 370 26.04 -13.72 1.23
CA LYS B 370 25.27 -14.74 0.53
C LYS B 370 25.47 -16.12 1.15
N GLY B 371 25.66 -16.20 2.46
CA GLY B 371 25.90 -17.45 3.14
C GLY B 371 27.29 -18.05 2.94
N THR B 372 28.28 -17.29 2.52
CA THR B 372 29.61 -17.82 2.28
C THR B 372 30.55 -17.55 3.44
N LYS B 373 30.15 -16.65 4.33
CA LYS B 373 30.93 -16.28 5.50
C LYS B 373 30.07 -16.42 6.76
N ALA B 374 30.68 -16.91 7.84
CA ALA B 374 30.00 -17.01 9.12
C ALA B 374 29.98 -15.64 9.80
N ILE B 375 28.84 -15.29 10.36
CA ILE B 375 28.71 -14.14 11.24
C ILE B 375 28.92 -14.62 12.67
N ASP B 376 29.89 -14.01 13.34
CA ASP B 376 30.18 -14.30 14.73
C ASP B 376 29.10 -13.76 15.65
N VAL B 377 28.39 -14.65 16.33
CA VAL B 377 27.37 -14.20 17.27
C VAL B 377 27.68 -14.61 18.72
N GLY B 378 28.95 -14.73 19.05
CA GLY B 378 29.34 -14.94 20.45
C GLY B 378 29.85 -16.36 20.69
N GLN B 379 30.91 -16.47 21.46
CA GLN B 379 31.68 -17.66 21.74
C GLN B 379 31.17 -18.95 21.13
N GLY B 380 31.77 -19.35 20.01
CA GLY B 380 31.46 -20.63 19.38
C GLY B 380 30.07 -20.71 18.76
N GLN B 381 29.48 -19.56 18.44
CA GLN B 381 28.16 -19.54 17.81
C GLN B 381 28.24 -18.66 16.56
N THR B 382 27.70 -19.15 15.45
CA THR B 382 27.70 -18.42 14.19
C THR B 382 26.30 -18.38 13.58
N ARG B 383 26.12 -17.45 12.62
CA ARG B 383 24.94 -17.42 11.76
C ARG B 383 25.36 -17.15 10.31
N THR B 384 24.51 -17.61 9.39
CA THR B 384 24.43 -17.00 8.06
C THR B 384 23.11 -16.23 8.01
N PHE B 385 21.98 -16.93 8.07
CA PHE B 385 20.67 -16.31 8.12
C PHE B 385 19.99 -16.58 9.46
N LEU B 386 18.79 -16.07 9.68
CA LEU B 386 18.14 -16.17 10.98
C LEU B 386 17.67 -17.59 11.28
N LEU B 387 17.83 -17.99 12.54
CA LEU B 387 17.27 -19.25 13.03
C LEU B 387 15.98 -18.99 13.79
N ASP B 388 15.12 -20.00 13.89
CA ASP B 388 13.96 -19.95 14.78
C ASP B 388 14.39 -19.60 16.19
N GLY B 389 13.67 -18.69 16.83
CA GLY B 389 13.97 -18.26 18.17
C GLY B 389 14.93 -17.08 18.26
N ASP B 390 15.57 -16.72 17.15
CA ASP B 390 16.45 -15.55 17.15
C ASP B 390 15.66 -14.25 17.35
N GLU B 391 16.22 -13.37 18.16
CA GLU B 391 15.63 -12.04 18.35
C GLU B 391 16.59 -10.99 17.81
N VAL B 392 16.06 -10.15 16.91
CA VAL B 392 16.83 -9.05 16.34
C VAL B 392 16.33 -7.73 16.91
N ILE B 393 17.24 -6.94 17.48
CA ILE B 393 16.88 -5.63 18.01
C ILE B 393 17.71 -4.54 17.35
N ILE B 394 17.03 -3.58 16.72
CA ILE B 394 17.68 -2.41 16.15
C ILE B 394 17.48 -1.24 17.12
N THR B 395 18.56 -0.50 17.33
CA THR B 395 18.56 0.72 18.13
C THR B 395 19.28 1.83 17.35
N GLY B 396 19.02 3.07 17.77
CA GLY B 396 19.68 4.18 17.07
C GLY B 396 19.76 5.38 18.01
N HIS B 397 20.81 6.18 17.84
CA HIS B 397 20.88 7.40 18.64
C HIS B 397 21.78 8.44 17.95
N CYS B 398 21.37 9.68 18.21
CA CYS B 398 22.21 10.85 17.92
C CYS B 398 22.90 11.27 19.22
N GLN B 399 24.18 11.56 19.17
CA GLN B 399 24.92 11.87 20.40
C GLN B 399 25.25 13.35 20.49
N GLY B 400 24.61 14.05 21.43
CA GLY B 400 24.97 15.43 21.74
C GLY B 400 25.87 15.50 22.97
N ASP B 401 26.08 16.73 23.43
CA ASP B 401 26.91 16.94 24.62
C ASP B 401 26.08 16.76 25.88
N GLY B 402 26.22 15.60 26.50
CA GLY B 402 25.50 15.29 27.73
C GLY B 402 24.07 14.82 27.52
N TYR B 403 23.71 14.47 26.28
CA TYR B 403 22.36 13.97 26.01
C TYR B 403 22.44 13.19 24.69
N ARG B 404 21.43 12.35 24.52
CA ARG B 404 21.27 11.70 23.21
C ARG B 404 19.81 11.79 22.80
N VAL B 405 19.59 11.76 21.49
CA VAL B 405 18.25 11.58 20.94
C VAL B 405 18.17 10.13 20.44
N GLY B 406 17.51 9.29 21.23
CA GLY B 406 17.45 7.87 20.90
C GLY B 406 16.05 7.50 20.41
N PHE B 407 15.97 6.27 19.91
CA PHE B 407 14.77 5.84 19.18
C PHE B 407 14.08 4.71 19.89
N GLY B 408 14.51 4.27 21.07
CA GLY B 408 13.94 3.08 21.68
C GLY B 408 14.28 1.85 20.86
N GLN B 409 13.42 0.84 20.86
CA GLN B 409 13.80 -0.46 20.29
C GLN B 409 12.93 -0.74 19.06
N CYS B 410 13.53 -1.44 18.11
CA CYS B 410 12.80 -2.04 16.99
C CYS B 410 13.14 -3.54 17.01
N ALA B 411 12.34 -4.30 17.75
CA ALA B 411 12.66 -5.69 18.08
C ALA B 411 11.65 -6.66 17.46
N GLY B 412 12.14 -7.87 17.21
CA GLY B 412 11.20 -8.98 16.93
C GLY B 412 11.94 -10.30 17.10
N LYS B 413 11.15 -11.33 17.44
CA LYS B 413 11.65 -12.69 17.58
C LYS B 413 11.01 -13.58 16.50
N VAL B 414 11.83 -14.44 15.93
CA VAL B 414 11.38 -15.34 14.87
C VAL B 414 10.66 -16.56 15.45
N LEU B 415 9.42 -16.79 15.06
CA LEU B 415 8.71 -18.02 15.41
C LEU B 415 8.86 -19.06 14.31
N PRO B 416 8.87 -20.34 14.68
CA PRO B 416 8.93 -21.40 13.72
C PRO B 416 7.82 -21.33 12.68
N ALA B 417 8.10 -21.77 11.46
CA ALA B 417 7.03 -21.82 10.46
C ALA B 417 5.93 -22.77 10.90
N LEU B 418 4.74 -22.59 10.33
CA LEU B 418 3.64 -23.52 10.53
C LEU B 418 3.91 -24.94 10.06
N SER B 419 4.80 -25.16 9.09
CA SER B 419 5.17 -26.50 8.67
C SER B 419 5.65 -27.34 9.85
MG MG C . -2.23 3.37 -12.63
CA CA D . -1.56 -3.02 -14.46
C ACT E . 8.00 -8.28 -18.09
O ACT E . 9.17 -8.41 -18.46
OXT ACT E . 7.31 -9.19 -18.39
CH3 ACT E . 7.42 -6.93 -17.41
O1 HBU F . -1.34 -5.17 -15.70
C2 HBU F . -0.63 -6.15 -15.55
O3 HBU F . -0.87 -7.14 -16.19
C4 HBU F . 0.53 -6.04 -14.56
C5 HBU F . 1.33 -4.76 -14.70
O8 HBU F . 0.93 -3.66 -14.52
C9 HBU F . 2.78 -4.89 -15.16
P10 HBU F . 2.81 -4.53 -16.98
O13 HBU F . 2.83 -3.05 -17.16
O14 HBU F . 1.66 -5.19 -17.62
C15 HBU F . 4.18 -5.25 -17.49
MG MG G . 9.46 -7.10 5.46
CA CA H . 14.06 -3.39 2.35
NI NI I . 22.19 24.66 27.67
C ACT J . 19.27 -5.59 -7.86
O ACT J . 19.50 -6.10 -8.94
OXT ACT J . 19.95 -4.68 -7.57
CH3 ACT J . 18.07 -6.11 -6.87
O1 HBU K . 16.17 -2.46 1.45
C2 HBU K . 16.45 -2.02 0.33
O3 HBU K . 17.48 -1.41 0.19
C4 HBU K . 15.44 -2.16 -0.80
C5 HBU K . 14.90 -3.58 -0.93
O8 HBU K . 14.24 -4.12 -0.09
C9 HBU K . 15.22 -4.42 -2.17
P10 HBU K . 16.67 -5.50 -1.73
O13 HBU K . 16.16 -6.73 -1.08
O14 HBU K . 17.60 -4.70 -0.92
C15 HBU K . 17.33 -5.81 -3.18
#